data_3OJC
#
_entry.id   3OJC
#
_cell.length_a   66.52
_cell.length_b   95.41
_cell.length_c   142.62
_cell.angle_alpha   90.0
_cell.angle_beta   90.0
_cell.angle_gamma   90.0
#
_symmetry.space_group_name_H-M   'P 21 21 21'
#
loop_
_entity.id
_entity.type
_entity.pdbx_description
1 polymer 'Putative aspartate/glutamate racemase'
2 non-polymer 'CALCIUM ION'
3 non-polymer HEXANE-1,6-DIOL
4 water water
#
_entity_poly.entity_id   1
_entity_poly.type   'polypeptide(L)'
_entity_poly.pdbx_seq_one_letter_code
;(MSE)(MSE)KILGLIGG(MSE)SWESTIPYYR(MSE)INQHVKAQLGGLHSAKIILYSVDFHEIEQLQAKGDWQTAAQL
LSNAAISLKHAGAEVIVVCTNT(MSE)HKVADDIEAACGLPLLHIADATAVQIKQQGIDKIGLLGTRYT(MSE)EQGFYR
GRLTEKHGIEVITPDDTDREAVNRIIYEELCLGIISETSRDAYRRVIKKLEAQGVQGIIFGCTEITLLVNAQDASVPVFD
TTAIHASAAADYALQ
;
_entity_poly.pdbx_strand_id   A,B,C,D
#
# COMPACT_ATOMS: atom_id res chain seq x y z
N LYS A 3 -12.26 21.10 23.28
CA LYS A 3 -13.01 21.46 22.08
C LYS A 3 -13.23 20.19 21.26
N ILE A 4 -14.32 20.14 20.52
CA ILE A 4 -14.55 19.02 19.63
C ILE A 4 -13.80 19.25 18.32
N LEU A 5 -12.92 18.33 17.96
CA LEU A 5 -12.17 18.44 16.70
C LEU A 5 -12.94 17.85 15.54
N GLY A 6 -13.00 18.59 14.44
CA GLY A 6 -13.57 18.05 13.22
C GLY A 6 -12.46 17.67 12.26
N LEU A 7 -12.30 16.37 12.01
CA LEU A 7 -11.27 15.90 11.08
C LEU A 7 -11.89 15.57 9.74
N ILE A 8 -11.28 16.07 8.66
CA ILE A 8 -11.68 15.63 7.34
C ILE A 8 -10.59 14.72 6.78
N GLY A 9 -10.93 13.45 6.58
CA GLY A 9 -9.93 12.47 6.19
C GLY A 9 -10.41 11.59 5.05
N GLY A 10 -9.83 10.40 4.96
CA GLY A 10 -10.17 9.51 3.85
C GLY A 10 -9.29 9.79 2.65
N SER A 12 -5.51 9.49 2.12
CA SER A 12 -6.37 8.33 2.02
C SER A 12 -6.74 7.90 3.43
N TRP A 13 -7.57 6.88 3.55
CA TRP A 13 -7.95 6.42 4.88
C TRP A 13 -6.74 5.90 5.66
N GLU A 14 -5.81 5.26 4.97
CA GLU A 14 -4.60 4.79 5.64
C GLU A 14 -3.84 5.93 6.33
N SER A 15 -3.85 7.11 5.73
CA SER A 15 -3.12 8.24 6.32
C SER A 15 -3.96 8.98 7.37
N THR A 16 -5.24 8.67 7.44
CA THR A 16 -6.10 9.25 8.47
C THR A 16 -5.87 8.55 9.81
N ILE A 17 -5.57 7.26 9.76
CA ILE A 17 -5.38 6.50 11.00
C ILE A 17 -4.32 7.11 11.92
N PRO A 18 -3.13 7.48 11.39
CA PRO A 18 -2.13 8.11 12.26
C PRO A 18 -2.60 9.41 12.92
N TYR A 19 -3.37 10.23 12.21
CA TYR A 19 -3.95 11.43 12.84
C TYR A 19 -4.84 11.04 14.02
N TYR A 20 -5.75 10.11 13.78
CA TYR A 20 -6.69 9.70 14.82
C TYR A 20 -5.92 9.14 16.01
N ARG A 21 -4.94 8.29 15.72
CA ARG A 21 -4.13 7.72 16.79
C ARG A 21 -3.32 8.77 17.57
N ILE A 23 -3.65 12.05 17.81
CA ILE A 23 -4.45 13.03 18.55
C ILE A 23 -4.97 12.39 19.85
N ASN A 24 -5.49 11.18 19.76
CA ASN A 24 -5.94 10.49 20.96
C ASN A 24 -4.81 10.24 21.96
N GLN A 25 -3.63 9.88 21.45
CA GLN A 25 -2.51 9.66 22.35
C GLN A 25 -2.09 10.92 23.10
N HIS A 26 -2.11 12.06 22.40
CA HIS A 26 -1.74 13.33 23.02
C HIS A 26 -2.73 13.68 24.12
N VAL A 27 -4.02 13.49 23.85
CA VAL A 27 -5.04 13.80 24.85
C VAL A 27 -4.90 12.88 26.08
N LYS A 28 -4.69 11.58 25.84
CA LYS A 28 -4.49 10.65 26.95
C LYS A 28 -3.26 11.02 27.77
N ALA A 29 -2.18 11.41 27.10
CA ALA A 29 -0.95 11.76 27.81
C ALA A 29 -1.12 13.00 28.68
N GLN A 30 -1.89 13.96 28.19
CA GLN A 30 -2.12 15.21 28.91
C GLN A 30 -3.14 15.05 30.04
N LEU A 31 -4.27 14.41 29.75
CA LEU A 31 -5.36 14.33 30.72
C LEU A 31 -5.36 13.07 31.60
N GLY A 32 -4.71 12.02 31.14
CA GLY A 32 -4.63 10.79 31.91
C GLY A 32 -5.93 9.99 31.97
N GLY A 33 -5.99 9.05 32.90
CA GLY A 33 -7.16 8.20 33.05
C GLY A 33 -7.55 7.57 31.73
N LEU A 34 -8.84 7.51 31.45
CA LEU A 34 -9.33 6.93 30.20
C LEU A 34 -9.72 8.00 29.19
N HIS A 35 -9.20 9.20 29.37
CA HIS A 35 -9.53 10.30 28.46
C HIS A 35 -9.10 10.00 27.04
N SER A 36 -9.98 10.32 26.11
CA SER A 36 -9.66 10.28 24.69
C SER A 36 -10.19 11.57 24.07
N ALA A 37 -9.75 11.86 22.86
CA ALA A 37 -10.11 13.10 22.20
C ALA A 37 -11.56 13.05 21.75
N LYS A 38 -12.20 14.21 21.73
CA LYS A 38 -13.52 14.32 21.15
C LYS A 38 -13.33 14.66 19.69
N ILE A 39 -13.58 13.69 18.83
CA ILE A 39 -13.29 13.84 17.41
C ILE A 39 -14.53 13.48 16.62
N ILE A 40 -14.90 14.33 15.67
CA ILE A 40 -15.90 13.95 14.68
C ILE A 40 -15.16 13.94 13.34
N LEU A 41 -15.08 12.76 12.72
CA LEU A 41 -14.29 12.55 11.49
C LEU A 41 -15.22 12.34 10.32
N TYR A 42 -15.06 13.16 9.28
CA TYR A 42 -15.78 12.93 8.03
C TYR A 42 -14.75 12.35 7.07
N SER A 43 -14.88 11.06 6.75
CA SER A 43 -13.96 10.38 5.84
C SER A 43 -14.63 10.29 4.46
N VAL A 44 -14.08 11.01 3.50
CA VAL A 44 -14.69 11.08 2.18
C VAL A 44 -14.31 9.86 1.32
N ASP A 45 -15.02 9.67 0.22
CA ASP A 45 -14.61 8.65 -0.74
C ASP A 45 -13.46 9.24 -1.58
N PHE A 46 -12.26 8.72 -1.38
CA PHE A 46 -11.06 9.24 -2.01
C PHE A 46 -11.15 9.21 -3.52
N HIS A 47 -11.90 8.26 -4.05
CA HIS A 47 -12.02 8.15 -5.49
C HIS A 47 -12.60 9.44 -6.04
N GLU A 48 -13.60 10.00 -5.36
CA GLU A 48 -14.20 11.24 -5.84
C GLU A 48 -13.19 12.38 -5.85
N ILE A 49 -12.41 12.51 -4.78
CA ILE A 49 -11.42 13.57 -4.68
C ILE A 49 -10.30 13.46 -5.71
N GLU A 50 -9.76 12.25 -5.86
CA GLU A 50 -8.73 12.01 -6.87
C GLU A 50 -9.22 12.36 -8.27
N GLN A 51 -10.44 11.94 -8.60
CA GLN A 51 -11.01 12.24 -9.92
C GLN A 51 -11.07 13.75 -10.19
N LEU A 52 -11.50 14.53 -9.19
CA LEU A 52 -11.58 15.99 -9.33
C LEU A 52 -10.19 16.58 -9.46
N GLN A 53 -9.28 16.13 -8.60
CA GLN A 53 -7.90 16.61 -8.62
C GLN A 53 -7.25 16.29 -9.96
N ALA A 54 -7.57 15.12 -10.52
CA ALA A 54 -7.02 14.69 -11.80
C ALA A 54 -7.49 15.58 -12.94
N LYS A 55 -8.65 16.19 -12.77
CA LYS A 55 -9.23 17.08 -13.78
C LYS A 55 -8.88 18.54 -13.51
N GLY A 56 -8.14 18.77 -12.43
CA GLY A 56 -7.82 20.12 -12.02
C GLY A 56 -9.07 20.91 -11.63
N ASP A 57 -10.12 20.20 -11.22
CA ASP A 57 -11.36 20.86 -10.84
C ASP A 57 -11.32 21.18 -9.35
N TRP A 58 -10.54 22.19 -8.99
CA TRP A 58 -10.36 22.53 -7.58
C TRP A 58 -11.61 23.13 -6.99
N GLN A 59 -12.42 23.74 -7.85
CA GLN A 59 -13.65 24.37 -7.44
C GLN A 59 -14.60 23.33 -6.83
N THR A 60 -14.86 22.26 -7.56
CA THR A 60 -15.72 21.20 -7.07
C THR A 60 -15.11 20.49 -5.86
N ALA A 61 -13.80 20.29 -5.90
CA ALA A 61 -13.11 19.63 -4.80
C ALA A 61 -13.30 20.45 -3.54
N ALA A 62 -13.16 21.76 -3.65
CA ALA A 62 -13.34 22.66 -2.52
C ALA A 62 -14.77 22.57 -2.01
N GLN A 63 -15.72 22.48 -2.94
CA GLN A 63 -17.12 22.40 -2.56
C GLN A 63 -17.39 21.13 -1.76
N LEU A 64 -16.82 20.02 -2.22
CA LEU A 64 -17.01 18.75 -1.55
C LEU A 64 -16.43 18.75 -0.12
N LEU A 65 -15.22 19.27 0.03
CA LEU A 65 -14.60 19.35 1.35
C LEU A 65 -15.34 20.34 2.23
N SER A 66 -15.74 21.47 1.62
CA SER A 66 -16.52 22.47 2.33
C SER A 66 -17.84 21.87 2.86
N ASN A 67 -18.54 21.09 2.02
CA ASN A 67 -19.76 20.42 2.49
C ASN A 67 -19.46 19.46 3.66
N ALA A 68 -18.33 18.76 3.58
CA ALA A 68 -17.88 17.93 4.70
C ALA A 68 -17.66 18.75 5.96
N ALA A 69 -16.97 19.88 5.83
CA ALA A 69 -16.72 20.75 6.98
C ALA A 69 -18.03 21.25 7.58
N ILE A 70 -18.98 21.62 6.71
CA ILE A 70 -20.30 22.09 7.18
C ILE A 70 -21.06 20.97 7.89
N SER A 71 -21.00 19.76 7.35
CA SER A 71 -21.57 18.60 8.02
C SER A 71 -20.98 18.46 9.43
N LEU A 72 -19.66 18.55 9.55
CA LEU A 72 -19.04 18.40 10.87
C LEU A 72 -19.49 19.49 11.82
N LYS A 73 -19.64 20.70 11.30
CA LYS A 73 -20.12 21.82 12.10
C LYS A 73 -21.50 21.52 12.66
N HIS A 74 -22.40 21.02 11.81
CA HIS A 74 -23.73 20.60 12.27
C HIS A 74 -23.66 19.55 13.38
N ALA A 75 -22.66 18.69 13.32
CA ALA A 75 -22.51 17.62 14.31
C ALA A 75 -21.86 18.08 15.61
N GLY A 76 -21.28 19.28 15.59
CA GLY A 76 -20.75 19.89 16.80
C GLY A 76 -19.26 20.25 16.78
N ALA A 77 -18.59 20.01 15.66
CA ALA A 77 -17.16 20.30 15.57
C ALA A 77 -16.93 21.81 15.73
N GLU A 78 -15.80 22.16 16.33
CA GLU A 78 -15.51 23.56 16.62
C GLU A 78 -14.29 24.07 15.88
N VAL A 79 -13.60 23.15 15.20
CA VAL A 79 -12.37 23.46 14.46
C VAL A 79 -12.21 22.37 13.42
N ILE A 80 -11.53 22.70 12.33
CA ILE A 80 -11.36 21.75 11.25
C ILE A 80 -9.90 21.41 11.06
N VAL A 81 -9.64 20.12 10.89
CA VAL A 81 -8.29 19.62 10.62
C VAL A 81 -8.39 18.77 9.37
N VAL A 82 -7.72 19.17 8.30
CA VAL A 82 -7.75 18.38 7.07
C VAL A 82 -6.57 17.41 7.13
N CYS A 83 -6.85 16.12 7.14
CA CYS A 83 -5.80 15.11 7.31
C CYS A 83 -5.11 14.68 6.04
N THR A 84 -4.67 15.67 5.27
CA THR A 84 -3.94 15.40 4.05
C THR A 84 -3.17 16.66 3.69
N ASN A 85 -2.15 16.53 2.86
CA ASN A 85 -1.40 17.71 2.53
C ASN A 85 -1.87 18.52 1.34
N THR A 86 -2.01 17.89 0.17
CA THR A 86 -2.30 18.65 -1.05
C THR A 86 -3.66 19.33 -1.11
N HIS A 88 -4.87 21.00 1.04
CA HIS A 88 -4.72 22.32 1.64
C HIS A 88 -4.69 23.45 0.61
N LYS A 89 -4.54 23.09 -0.66
CA LYS A 89 -4.67 24.05 -1.74
C LYS A 89 -5.99 24.84 -1.61
N VAL A 90 -7.03 24.20 -1.10
CA VAL A 90 -8.32 24.89 -0.89
C VAL A 90 -8.70 25.06 0.58
N ALA A 91 -7.71 25.10 1.46
CA ALA A 91 -7.99 25.22 2.89
C ALA A 91 -8.69 26.53 3.23
N ASP A 92 -8.22 27.63 2.65
CA ASP A 92 -8.82 28.93 2.99
C ASP A 92 -10.30 28.96 2.57
N ASP A 93 -10.63 28.30 1.46
CA ASP A 93 -12.01 28.23 1.01
C ASP A 93 -12.88 27.38 1.94
N ILE A 94 -12.34 26.26 2.41
CA ILE A 94 -13.10 25.42 3.33
C ILE A 94 -13.36 26.17 4.62
N GLU A 95 -12.31 26.82 5.14
CA GLU A 95 -12.46 27.59 6.37
C GLU A 95 -13.51 28.70 6.23
N ALA A 96 -13.46 29.44 5.13
CA ALA A 96 -14.45 30.48 4.89
C ALA A 96 -15.87 29.90 4.75
N ALA A 97 -15.98 28.72 4.15
CA ALA A 97 -17.30 28.14 3.88
C ALA A 97 -18.02 27.65 5.12
N CYS A 98 -17.25 27.11 6.08
CA CYS A 98 -17.86 26.48 7.24
C CYS A 98 -17.91 27.42 8.45
N GLY A 99 -17.10 28.48 8.43
CA GLY A 99 -17.12 29.45 9.50
C GLY A 99 -16.49 28.97 10.79
N LEU A 100 -15.68 27.90 10.70
CA LEU A 100 -14.90 27.39 11.83
C LEU A 100 -13.43 27.67 11.56
N PRO A 101 -12.63 27.86 12.62
CA PRO A 101 -11.19 27.95 12.39
C PRO A 101 -10.70 26.64 11.80
N LEU A 102 -9.70 26.73 10.93
CA LEU A 102 -9.13 25.55 10.32
C LEU A 102 -7.65 25.61 10.67
N LEU A 103 -7.15 24.53 11.26
CA LEU A 103 -5.77 24.48 11.65
C LEU A 103 -4.96 24.00 10.45
N HIS A 104 -4.33 24.94 9.75
CA HIS A 104 -3.62 24.64 8.49
C HIS A 104 -2.32 23.90 8.75
N ILE A 105 -2.06 22.84 7.99
CA ILE A 105 -0.88 22.01 8.19
C ILE A 105 0.42 22.83 8.08
N ALA A 106 0.47 23.78 7.14
CA ALA A 106 1.69 24.57 6.98
C ALA A 106 1.87 25.56 8.14
N ASP A 107 0.75 26.10 8.64
CA ASP A 107 0.82 27.05 9.74
C ASP A 107 1.33 26.39 11.01
N ALA A 108 0.87 25.17 11.28
CA ALA A 108 1.28 24.47 12.49
C ALA A 108 2.78 24.24 12.50
N THR A 109 3.30 23.85 11.34
CA THR A 109 4.75 23.66 11.21
C THR A 109 5.51 24.99 11.24
N ALA A 110 4.98 26.01 10.58
CA ALA A 110 5.65 27.32 10.61
C ALA A 110 5.79 27.84 12.03
N VAL A 111 4.78 27.61 12.86
CA VAL A 111 4.86 28.08 14.24
C VAL A 111 6.05 27.45 14.96
N GLN A 112 6.24 26.15 14.80
CA GLN A 112 7.34 25.46 15.46
C GLN A 112 8.68 25.97 14.95
N ILE A 113 8.77 26.14 13.64
CA ILE A 113 10.00 26.64 13.04
C ILE A 113 10.35 28.04 13.52
N LYS A 114 9.36 28.93 13.53
CA LYS A 114 9.60 30.30 13.94
C LYS A 114 9.97 30.40 15.41
N GLN A 115 9.33 29.59 16.24
CA GLN A 115 9.61 29.61 17.68
C GLN A 115 11.06 29.22 17.94
N GLN A 116 11.60 28.38 17.08
CA GLN A 116 12.97 27.89 17.24
C GLN A 116 13.99 28.81 16.58
N GLY A 117 13.52 29.93 16.04
CA GLY A 117 14.42 30.96 15.52
C GLY A 117 14.88 30.70 14.10
N ILE A 118 14.25 29.73 13.45
CA ILE A 118 14.63 29.35 12.09
C ILE A 118 13.98 30.25 11.05
N ASP A 119 14.78 30.73 10.10
CA ASP A 119 14.25 31.62 9.06
C ASP A 119 14.57 31.10 7.65
N LYS A 120 15.29 29.99 7.57
CA LYS A 120 15.63 29.38 6.30
C LYS A 120 15.50 27.87 6.46
N ILE A 121 14.56 27.28 5.73
CA ILE A 121 14.20 25.88 5.94
C ILE A 121 14.37 25.09 4.63
N GLY A 122 14.75 23.82 4.73
CA GLY A 122 14.73 22.95 3.58
C GLY A 122 13.40 22.21 3.55
N LEU A 123 12.90 21.91 2.36
CA LEU A 123 11.61 21.24 2.24
C LEU A 123 11.75 20.01 1.38
N LEU A 124 11.39 18.85 1.93
CA LEU A 124 11.34 17.60 1.18
C LEU A 124 9.91 17.06 1.17
N GLY A 125 9.49 16.46 0.06
CA GLY A 125 8.14 15.94 -0.01
C GLY A 125 7.88 15.55 -1.43
N THR A 126 6.61 15.33 -1.78
CA THR A 126 6.27 15.13 -3.18
C THR A 126 6.62 16.38 -3.96
N ARG A 127 6.65 16.26 -5.28
CA ARG A 127 6.97 17.38 -6.13
C ARG A 127 5.95 18.47 -5.91
N TYR A 128 4.69 18.10 -5.73
CA TYR A 128 3.63 19.08 -5.54
C TYR A 128 3.87 19.93 -4.31
N THR A 129 4.25 19.27 -3.22
CA THR A 129 4.50 19.96 -1.97
C THR A 129 5.72 20.87 -2.08
N GLU A 131 6.99 22.31 -4.77
CA GLU A 131 6.94 23.33 -5.81
C GLU A 131 5.74 24.29 -5.74
N GLN A 132 4.60 23.79 -5.31
CA GLN A 132 3.35 24.57 -5.41
C GLN A 132 3.21 25.64 -4.33
N GLY A 133 2.19 26.48 -4.47
CA GLY A 133 2.01 27.60 -3.57
C GLY A 133 1.42 27.26 -2.21
N PHE A 134 0.62 26.20 -2.15
CA PHE A 134 -0.21 25.93 -0.97
C PHE A 134 0.61 25.62 0.28
N TYR A 135 1.80 25.06 0.11
CA TYR A 135 2.64 24.76 1.27
C TYR A 135 3.86 25.68 1.32
N ARG A 136 4.76 25.55 0.35
CA ARG A 136 5.97 26.38 0.32
C ARG A 136 5.69 27.87 0.20
N GLY A 137 4.73 28.23 -0.65
CA GLY A 137 4.38 29.63 -0.83
C GLY A 137 3.83 30.22 0.46
N ARG A 138 3.06 29.43 1.19
CA ARG A 138 2.49 29.89 2.45
C ARG A 138 3.58 30.14 3.49
N LEU A 139 4.59 29.29 3.51
CA LEU A 139 5.70 29.48 4.46
C LEU A 139 6.39 30.80 4.21
N THR A 140 6.55 31.13 2.93
CA THR A 140 7.24 32.35 2.54
C THR A 140 6.32 33.58 2.64
N GLU A 141 5.19 33.55 1.93
CA GLU A 141 4.32 34.72 1.86
C GLU A 141 3.67 35.08 3.19
N LYS A 142 3.25 34.07 3.95
CA LYS A 142 2.52 34.31 5.19
C LYS A 142 3.43 34.38 6.41
N HIS A 143 4.47 33.54 6.42
CA HIS A 143 5.28 33.41 7.63
C HIS A 143 6.68 33.99 7.51
N GLY A 144 7.04 34.42 6.32
CA GLY A 144 8.34 35.07 6.12
C GLY A 144 9.52 34.12 6.19
N ILE A 145 9.29 32.83 5.99
CA ILE A 145 10.36 31.84 6.09
C ILE A 145 10.89 31.56 4.68
N GLU A 146 12.21 31.64 4.50
CA GLU A 146 12.84 31.29 3.22
C GLU A 146 12.83 29.77 3.03
N VAL A 147 12.38 29.30 1.87
CA VAL A 147 12.29 27.86 1.64
C VAL A 147 13.25 27.43 0.54
N ILE A 148 14.13 26.48 0.87
CA ILE A 148 15.07 25.92 -0.08
C ILE A 148 14.60 24.50 -0.40
N THR A 149 14.55 24.16 -1.68
CA THR A 149 14.25 22.79 -2.09
C THR A 149 15.45 22.23 -2.86
N PRO A 150 15.48 20.91 -3.06
CA PRO A 150 16.56 20.36 -3.89
C PRO A 150 16.49 20.87 -5.33
N ASP A 151 17.55 20.63 -6.11
CA ASP A 151 17.55 21.02 -7.53
C ASP A 151 16.61 20.14 -8.33
N ASP A 152 16.44 20.43 -9.61
CA ASP A 152 15.45 19.71 -10.40
C ASP A 152 15.70 18.19 -10.42
N THR A 153 16.94 17.79 -10.66
CA THR A 153 17.28 16.37 -10.71
C THR A 153 16.91 15.67 -9.39
N ASP A 154 17.27 16.30 -8.29
CA ASP A 154 16.98 15.71 -6.98
C ASP A 154 15.49 15.70 -6.59
N ARG A 155 14.76 16.75 -6.98
CA ARG A 155 13.31 16.73 -6.74
C ARG A 155 12.65 15.56 -7.48
N GLU A 156 13.07 15.33 -8.71
CA GLU A 156 12.53 14.23 -9.49
C GLU A 156 12.82 12.91 -8.80
N ALA A 157 14.03 12.76 -8.30
CA ALA A 157 14.43 11.53 -7.63
C ALA A 157 13.61 11.32 -6.36
N VAL A 158 13.53 12.37 -5.54
CA VAL A 158 12.75 12.33 -4.31
C VAL A 158 11.30 11.91 -4.60
N ASN A 159 10.69 12.56 -5.58
CA ASN A 159 9.29 12.30 -5.93
C ASN A 159 9.09 10.89 -6.47
N ARG A 160 9.96 10.47 -7.38
CA ARG A 160 9.88 9.13 -7.95
CA ARG A 160 9.90 9.14 -7.95
C ARG A 160 9.94 8.07 -6.85
N ILE A 161 10.85 8.27 -5.90
CA ILE A 161 11.01 7.30 -4.83
C ILE A 161 9.74 7.20 -3.97
N ILE A 162 9.11 8.31 -3.68
CA ILE A 162 7.89 8.25 -2.90
C ILE A 162 6.76 7.51 -3.63
N TYR A 163 6.52 7.89 -4.87
CA TYR A 163 5.45 7.28 -5.67
C TYR A 163 5.64 5.84 -6.16
N GLU A 164 6.85 5.56 -6.63
CA GLU A 164 7.16 4.25 -7.19
C GLU A 164 7.71 3.24 -6.21
N GLU A 165 8.13 3.68 -5.04
CA GLU A 165 8.69 2.76 -4.07
C GLU A 165 8.09 2.77 -2.68
N LEU A 166 8.19 3.91 -2.01
CA LEU A 166 7.72 4.01 -0.63
C LEU A 166 6.23 3.76 -0.54
N CYS A 167 5.48 4.28 -1.49
CA CYS A 167 4.03 4.08 -1.52
C CYS A 167 3.68 2.62 -1.76
N LEU A 168 4.63 1.88 -2.32
CA LEU A 168 4.42 0.45 -2.60
C LEU A 168 5.04 -0.43 -1.51
N GLY A 169 5.53 0.21 -0.45
CA GLY A 169 6.14 -0.52 0.65
C GLY A 169 7.58 -0.94 0.37
N ILE A 170 8.18 -0.35 -0.66
CA ILE A 170 9.51 -0.76 -1.11
C ILE A 170 10.57 0.15 -0.54
N ILE A 171 11.48 -0.44 0.23
CA ILE A 171 12.61 0.31 0.80
C ILE A 171 13.92 -0.11 0.14
N SER A 172 14.48 0.80 -0.64
CA SER A 172 15.71 0.53 -1.38
C SER A 172 16.89 1.20 -0.71
N GLU A 173 18.02 0.51 -0.62
CA GLU A 173 19.17 1.09 0.05
C GLU A 173 19.82 2.22 -0.77
N THR A 174 19.72 2.12 -2.10
CA THR A 174 20.18 3.20 -2.97
C THR A 174 19.28 4.42 -2.83
N SER A 175 17.99 4.18 -2.63
CA SER A 175 17.05 5.27 -2.43
C SER A 175 17.28 5.96 -1.08
N ARG A 176 17.55 5.16 -0.05
CA ARG A 176 17.91 5.71 1.25
C ARG A 176 19.17 6.59 1.13
N ASP A 177 20.18 6.11 0.43
CA ASP A 177 21.40 6.89 0.22
C ASP A 177 21.13 8.21 -0.52
N ALA A 178 20.27 8.15 -1.54
CA ALA A 178 19.88 9.34 -2.28
C ALA A 178 19.25 10.40 -1.36
N TYR A 179 18.33 9.98 -0.50
CA TYR A 179 17.70 10.92 0.44
C TYR A 179 18.73 11.50 1.40
N ARG A 180 19.62 10.65 1.91
CA ARG A 180 20.70 11.13 2.77
C ARG A 180 21.56 12.19 2.09
N ARG A 181 21.85 11.97 0.81
CA ARG A 181 22.66 12.91 0.06
C ARG A 181 21.94 14.24 -0.13
N VAL A 182 20.65 14.16 -0.45
CA VAL A 182 19.83 15.36 -0.67
C VAL A 182 19.75 16.18 0.62
N ILE A 183 19.63 15.51 1.75
CA ILE A 183 19.66 16.20 3.03
C ILE A 183 20.98 16.95 3.22
N LYS A 184 22.10 16.28 2.93
CA LYS A 184 23.40 16.92 3.07
C LYS A 184 23.51 18.12 2.13
N LYS A 185 22.93 17.99 0.95
CA LYS A 185 22.94 19.10 -0.01
C LYS A 185 22.14 20.32 0.49
N LEU A 186 20.99 20.07 1.09
CA LEU A 186 20.20 21.15 1.67
C LEU A 186 20.98 21.84 2.79
N GLU A 187 21.64 21.04 3.61
CA GLU A 187 22.42 21.61 4.70
C GLU A 187 23.60 22.43 4.21
N ALA A 188 24.21 21.99 3.11
CA ALA A 188 25.33 22.71 2.53
C ALA A 188 24.86 24.08 2.02
N GLN A 189 23.58 24.19 1.71
CA GLN A 189 22.99 25.46 1.27
C GLN A 189 22.58 26.35 2.46
N GLY A 190 22.89 25.88 3.66
CA GLY A 190 22.71 26.70 4.84
C GLY A 190 21.32 26.68 5.46
N VAL A 191 20.49 25.70 5.12
CA VAL A 191 19.20 25.61 5.81
C VAL A 191 19.44 25.38 7.28
N GLN A 192 18.47 25.82 8.09
CA GLN A 192 18.58 25.78 9.55
C GLN A 192 17.64 24.72 10.12
N GLY A 193 16.98 24.00 9.22
CA GLY A 193 16.06 22.93 9.55
C GLY A 193 15.52 22.34 8.26
N ILE A 194 14.94 21.15 8.34
CA ILE A 194 14.35 20.53 7.16
C ILE A 194 12.97 19.99 7.49
N ILE A 195 12.00 20.29 6.61
CA ILE A 195 10.64 19.78 6.78
C ILE A 195 10.48 18.50 5.97
N PHE A 196 9.96 17.46 6.62
CA PHE A 196 9.52 16.26 5.91
C PHE A 196 8.03 16.42 5.62
N GLY A 197 7.71 16.64 4.35
CA GLY A 197 6.36 16.98 3.95
C GLY A 197 5.32 15.86 4.02
N CYS A 198 5.79 14.61 4.02
CA CYS A 198 4.88 13.47 4.14
C CYS A 198 5.53 12.39 4.97
N THR A 199 4.74 11.46 5.51
CA THR A 199 5.29 10.50 6.46
C THR A 199 6.18 9.48 5.77
N GLU A 200 5.93 9.27 4.48
CA GLU A 200 6.72 8.32 3.70
C GLU A 200 8.23 8.59 3.79
N ILE A 201 8.60 9.87 3.90
CA ILE A 201 10.03 10.23 3.97
C ILE A 201 10.73 9.54 5.13
N THR A 202 10.05 9.38 6.26
CA THR A 202 10.66 8.82 7.45
C THR A 202 10.87 7.31 7.38
N LEU A 203 10.34 6.68 6.33
CA LEU A 203 10.67 5.28 6.06
C LEU A 203 12.13 5.15 5.66
N LEU A 204 12.70 6.23 5.14
CA LEU A 204 14.08 6.17 4.65
C LEU A 204 15.06 6.93 5.53
N VAL A 205 14.66 8.12 5.97
CA VAL A 205 15.56 8.98 6.75
C VAL A 205 14.88 9.55 7.99
N ASN A 206 15.69 9.97 8.96
CA ASN A 206 15.14 10.55 10.19
C ASN A 206 16.09 11.60 10.76
N ALA A 207 15.83 12.06 11.98
CA ALA A 207 16.66 13.09 12.59
C ALA A 207 18.14 12.67 12.69
N GLN A 208 18.41 11.36 12.74
CA GLN A 208 19.78 10.91 12.83
C GLN A 208 20.56 11.21 11.56
N ASP A 209 19.83 11.46 10.47
CA ASP A 209 20.43 11.74 9.17
C ASP A 209 20.65 13.23 8.91
N ALA A 210 20.23 14.08 9.83
CA ALA A 210 20.34 15.52 9.65
C ALA A 210 21.13 16.16 10.79
N SER A 211 21.86 17.23 10.48
CA SER A 211 22.59 18.00 11.47
C SER A 211 21.77 19.20 11.93
N VAL A 212 20.66 19.45 11.23
CA VAL A 212 19.75 20.52 11.60
C VAL A 212 18.46 19.88 12.05
N PRO A 213 17.61 20.61 12.78
CA PRO A 213 16.36 20.00 13.23
C PRO A 213 15.46 19.59 12.08
N VAL A 214 14.75 18.47 12.28
CA VAL A 214 13.79 18.01 11.28
C VAL A 214 12.36 18.17 11.78
N PHE A 215 11.46 18.56 10.87
CA PHE A 215 10.07 18.82 11.21
C PHE A 215 9.14 17.89 10.45
N ASP A 216 8.56 16.93 11.17
CA ASP A 216 7.62 15.98 10.58
C ASP A 216 6.28 16.69 10.54
N THR A 217 5.89 17.18 9.37
CA THR A 217 4.74 18.08 9.33
C THR A 217 3.43 17.39 9.74
N THR A 218 3.30 16.11 9.43
CA THR A 218 2.13 15.35 9.84
C THR A 218 2.03 15.21 11.36
N ALA A 219 3.14 14.83 11.97
CA ALA A 219 3.19 14.69 13.43
C ALA A 219 2.92 16.02 14.13
N ILE A 220 3.51 17.09 13.61
CA ILE A 220 3.31 18.42 14.17
C ILE A 220 1.84 18.83 14.03
N HIS A 221 1.23 18.48 12.90
CA HIS A 221 -0.18 18.82 12.66
C HIS A 221 -1.08 18.17 13.71
N ALA A 222 -0.87 16.88 13.94
CA ALA A 222 -1.70 16.14 14.90
C ALA A 222 -1.48 16.70 16.31
N SER A 223 -0.24 16.98 16.66
CA SER A 223 0.05 17.56 17.97
C SER A 223 -0.61 18.94 18.15
N ALA A 224 -0.55 19.77 17.10
CA ALA A 224 -1.20 21.08 17.16
C ALA A 224 -2.72 20.95 17.33
N ALA A 225 -3.31 19.96 16.68
CA ALA A 225 -4.74 19.70 16.82
C ALA A 225 -5.08 19.38 18.27
N ALA A 226 -4.36 18.43 18.86
CA ALA A 226 -4.57 18.06 20.26
C ALA A 226 -4.40 19.26 21.19
N ASP A 227 -3.35 20.03 20.96
CA ASP A 227 -3.06 21.21 21.77
CA ASP A 227 -3.08 21.19 21.80
C ASP A 227 -4.21 22.20 21.71
N TYR A 228 -4.72 22.43 20.51
CA TYR A 228 -5.83 23.35 20.33
C TYR A 228 -7.08 22.89 21.08
N ALA A 229 -7.36 21.59 20.98
CA ALA A 229 -8.49 21.01 21.66
C ALA A 229 -8.41 21.20 23.17
N LEU A 230 -7.19 21.15 23.71
CA LEU A 230 -6.99 21.22 25.17
C LEU A 230 -6.73 22.61 25.74
N GLN A 231 -6.53 23.61 24.88
CA GLN A 231 -6.10 24.92 25.37
C GLN A 231 -7.16 25.63 26.19
N LYS B 3 -7.14 -12.44 -19.71
CA LYS B 3 -6.16 -12.92 -20.67
C LYS B 3 -4.79 -12.93 -20.02
N ILE B 4 -3.93 -13.87 -20.44
CA ILE B 4 -2.55 -13.85 -19.98
C ILE B 4 -1.72 -12.98 -20.90
N LEU B 5 -1.09 -11.95 -20.33
CA LEU B 5 -0.26 -11.04 -21.12
C LEU B 5 1.17 -11.56 -21.23
N GLY B 6 1.72 -11.52 -22.44
CA GLY B 6 3.11 -11.87 -22.63
C GLY B 6 3.91 -10.60 -22.82
N LEU B 7 4.81 -10.27 -21.89
CA LEU B 7 5.57 -9.01 -21.97
C LEU B 7 6.99 -9.30 -22.34
N ILE B 8 7.51 -8.56 -23.31
CA ILE B 8 8.90 -8.71 -23.68
C ILE B 8 9.58 -7.50 -23.08
N GLY B 9 10.53 -7.75 -22.21
CA GLY B 9 11.18 -6.68 -21.49
C GLY B 9 11.98 -5.72 -22.34
N GLY B 10 12.13 -4.50 -21.83
CA GLY B 10 12.90 -3.48 -22.49
C GLY B 10 14.36 -3.85 -22.35
N SER B 12 16.55 -2.31 -20.94
CA SER B 12 16.88 -2.02 -19.56
C SER B 12 15.73 -2.46 -18.64
N TRP B 13 16.06 -3.23 -17.61
CA TRP B 13 15.01 -3.70 -16.71
C TRP B 13 14.32 -2.53 -16.03
N GLU B 14 15.02 -1.39 -15.92
CA GLU B 14 14.44 -0.15 -15.40
CA GLU B 14 14.38 -0.22 -15.34
C GLU B 14 13.29 0.33 -16.27
N SER B 15 13.33 -0.05 -17.54
CA SER B 15 12.28 0.34 -18.48
C SER B 15 11.11 -0.64 -18.42
N THR B 16 11.36 -1.81 -17.85
CA THR B 16 10.33 -2.86 -17.79
C THR B 16 9.49 -2.73 -16.53
N ILE B 17 10.12 -2.32 -15.44
CA ILE B 17 9.38 -2.23 -14.18
C ILE B 17 8.17 -1.29 -14.26
N PRO B 18 8.31 -0.13 -14.93
CA PRO B 18 7.12 0.71 -15.03
C PRO B 18 5.95 0.03 -15.74
N TYR B 19 6.18 -0.80 -16.76
CA TYR B 19 5.08 -1.55 -17.36
C TYR B 19 4.43 -2.52 -16.36
N TYR B 20 5.26 -3.27 -15.66
CA TYR B 20 4.76 -4.23 -14.68
C TYR B 20 3.94 -3.49 -13.62
N ARG B 21 4.48 -2.40 -13.09
CA ARG B 21 3.77 -1.60 -12.07
C ARG B 21 2.44 -1.07 -12.62
N ILE B 23 0.56 -1.81 -15.36
CA ILE B 23 -0.45 -2.80 -15.74
C ILE B 23 -1.15 -3.36 -14.50
N ASN B 24 -0.37 -3.70 -13.49
CA ASN B 24 -0.94 -4.24 -12.27
C ASN B 24 -1.84 -3.23 -11.57
N GLN B 25 -1.41 -1.97 -11.53
CA GLN B 25 -2.21 -0.93 -10.90
C GLN B 25 -3.54 -0.78 -11.63
N HIS B 26 -3.50 -0.82 -12.95
CA HIS B 26 -4.72 -0.71 -13.75
C HIS B 26 -5.69 -1.86 -13.49
N VAL B 27 -5.16 -3.08 -13.44
CA VAL B 27 -6.02 -4.23 -13.21
C VAL B 27 -6.68 -4.19 -11.84
N LYS B 28 -5.89 -3.87 -10.83
CA LYS B 28 -6.41 -3.70 -9.46
C LYS B 28 -7.51 -2.65 -9.43
N ALA B 29 -7.27 -1.53 -10.13
CA ALA B 29 -8.25 -0.45 -10.16
C ALA B 29 -9.57 -0.87 -10.83
N GLN B 30 -9.48 -1.63 -11.90
CA GLN B 30 -10.67 -2.00 -12.67
C GLN B 30 -11.44 -3.15 -12.03
N LEU B 31 -10.72 -4.10 -11.45
CA LEU B 31 -11.40 -5.29 -10.92
C LEU B 31 -11.65 -5.27 -9.42
N GLY B 32 -10.89 -4.46 -8.69
CA GLY B 32 -10.96 -4.47 -7.24
C GLY B 32 -10.41 -5.76 -6.63
N GLY B 33 -11.01 -6.19 -5.54
CA GLY B 33 -10.52 -7.35 -4.82
C GLY B 33 -9.03 -7.18 -4.51
N LEU B 34 -8.29 -8.26 -4.63
CA LEU B 34 -6.83 -8.19 -4.55
C LEU B 34 -6.26 -8.52 -5.90
N HIS B 35 -7.02 -8.22 -6.96
CA HIS B 35 -6.66 -8.68 -8.29
C HIS B 35 -5.38 -8.03 -8.81
N SER B 36 -4.55 -8.85 -9.44
CA SER B 36 -3.38 -8.37 -10.16
C SER B 36 -3.37 -9.03 -11.53
N ALA B 37 -2.57 -8.50 -12.45
CA ALA B 37 -2.55 -9.00 -13.82
C ALA B 37 -1.86 -10.36 -13.90
N LYS B 38 -2.31 -11.18 -14.85
CA LYS B 38 -1.57 -12.39 -15.19
C LYS B 38 -0.59 -12.02 -16.28
N ILE B 39 0.68 -12.00 -15.94
CA ILE B 39 1.70 -11.56 -16.85
C ILE B 39 2.80 -12.59 -16.91
N ILE B 40 3.25 -12.93 -18.11
CA ILE B 40 4.48 -13.72 -18.24
C ILE B 40 5.47 -12.81 -18.94
N LEU B 41 6.51 -12.41 -18.21
CA LEU B 41 7.48 -11.43 -18.68
C LEU B 41 8.77 -12.13 -19.03
N TYR B 42 9.28 -11.88 -20.24
CA TYR B 42 10.57 -12.41 -20.62
C TYR B 42 11.55 -11.25 -20.63
N SER B 43 12.53 -11.32 -19.74
CA SER B 43 13.52 -10.26 -19.61
C SER B 43 14.87 -10.80 -20.07
N VAL B 44 15.37 -10.29 -21.20
CA VAL B 44 16.60 -10.81 -21.78
C VAL B 44 17.83 -10.20 -21.15
N ASP B 45 18.98 -10.81 -21.40
CA ASP B 45 20.25 -10.20 -21.05
C ASP B 45 20.68 -9.37 -22.23
N PHE B 46 20.58 -8.05 -22.07
CA PHE B 46 20.89 -7.11 -23.14
C PHE B 46 22.27 -7.37 -23.74
N HIS B 47 23.23 -7.78 -22.91
CA HIS B 47 24.57 -8.08 -23.39
C HIS B 47 24.54 -9.00 -24.61
N GLU B 48 23.69 -10.02 -24.55
CA GLU B 48 23.61 -11.02 -25.60
C GLU B 48 23.16 -10.42 -26.93
N ILE B 49 22.15 -9.58 -26.87
CA ILE B 49 21.65 -8.84 -28.04
C ILE B 49 22.75 -7.94 -28.59
N GLU B 50 23.32 -7.13 -27.70
CA GLU B 50 24.38 -6.19 -28.07
C GLU B 50 25.57 -6.89 -28.74
N GLN B 51 26.00 -8.01 -28.19
CA GLN B 51 27.13 -8.72 -28.75
C GLN B 51 26.84 -9.19 -30.17
N LEU B 52 25.64 -9.71 -30.39
CA LEU B 52 25.26 -10.17 -31.71
C LEU B 52 25.21 -9.02 -32.72
N GLN B 53 24.68 -7.89 -32.28
CA GLN B 53 24.59 -6.71 -33.13
C GLN B 53 25.97 -6.18 -33.53
N ALA B 54 26.88 -6.17 -32.56
CA ALA B 54 28.23 -5.67 -32.81
C ALA B 54 28.89 -6.54 -33.84
N LYS B 55 28.61 -7.84 -33.76
CA LYS B 55 29.14 -8.83 -34.68
C LYS B 55 28.54 -8.64 -36.07
N GLY B 56 27.48 -7.87 -36.16
CA GLY B 56 26.79 -7.63 -37.41
C GLY B 56 25.73 -8.69 -37.67
N ASP B 57 25.51 -9.56 -36.70
CA ASP B 57 24.47 -10.58 -36.80
C ASP B 57 23.12 -10.06 -36.29
N TRP B 58 22.55 -9.09 -37.00
CA TRP B 58 21.26 -8.50 -36.49
CA TRP B 58 21.27 -8.50 -36.50
C TRP B 58 20.13 -9.59 -36.57
N GLN B 59 20.24 -10.51 -37.53
CA GLN B 59 19.20 -11.49 -37.75
C GLN B 59 19.03 -12.42 -36.54
N THR B 60 20.15 -12.88 -35.99
CA THR B 60 20.10 -13.74 -34.82
C THR B 60 19.57 -12.94 -33.63
N ALA B 61 19.98 -11.68 -33.54
CA ALA B 61 19.55 -10.83 -32.45
C ALA B 61 18.05 -10.69 -32.51
N ALA B 62 17.52 -10.49 -33.71
CA ALA B 62 16.06 -10.37 -33.88
C ALA B 62 15.37 -11.67 -33.54
N GLN B 63 16.03 -12.77 -33.91
CA GLN B 63 15.55 -14.10 -33.66
C GLN B 63 15.45 -14.28 -32.15
N LEU B 64 16.39 -13.71 -31.42
CA LEU B 64 16.40 -13.84 -29.96
C LEU B 64 15.14 -13.24 -29.32
N LEU B 65 14.75 -12.05 -29.73
CA LEU B 65 13.51 -11.44 -29.22
C LEU B 65 12.28 -12.23 -29.71
N SER B 66 12.33 -12.66 -30.97
CA SER B 66 11.25 -13.46 -31.53
C SER B 66 11.18 -14.78 -30.77
N ASN B 67 12.35 -15.31 -30.41
CA ASN B 67 12.43 -16.53 -29.66
C ASN B 67 11.76 -16.33 -28.30
N ALA B 68 11.97 -15.16 -27.71
CA ALA B 68 11.36 -14.85 -26.43
C ALA B 68 9.85 -14.88 -26.58
N ALA B 69 9.34 -14.31 -27.67
CA ALA B 69 7.91 -14.29 -27.92
C ALA B 69 7.33 -15.69 -28.14
N ILE B 70 8.03 -16.50 -28.93
CA ILE B 70 7.62 -17.90 -29.13
C ILE B 70 7.61 -18.66 -27.79
N SER B 71 8.60 -18.39 -26.95
CA SER B 71 8.64 -19.01 -25.62
C SER B 71 7.45 -18.58 -24.77
N LEU B 72 7.10 -17.30 -24.86
CA LEU B 72 5.94 -16.81 -24.12
C LEU B 72 4.67 -17.50 -24.60
N LYS B 73 4.57 -17.73 -25.91
CA LYS B 73 3.45 -18.48 -26.47
C LYS B 73 3.40 -19.87 -25.86
N HIS B 74 4.55 -20.52 -25.77
CA HIS B 74 4.62 -21.86 -25.23
C HIS B 74 4.15 -21.89 -23.79
N ALA B 75 4.39 -20.77 -23.08
CA ALA B 75 4.08 -20.66 -21.66
C ALA B 75 2.61 -20.31 -21.45
N GLY B 76 1.93 -19.93 -22.52
CA GLY B 76 0.50 -19.67 -22.44
C GLY B 76 0.08 -18.22 -22.61
N ALA B 77 1.01 -17.35 -23.02
CA ALA B 77 0.66 -15.95 -23.27
C ALA B 77 -0.31 -15.87 -24.45
N GLU B 78 -1.24 -14.92 -24.41
CA GLU B 78 -2.28 -14.82 -25.43
C GLU B 78 -2.09 -13.60 -26.33
N VAL B 79 -1.13 -12.76 -25.96
CA VAL B 79 -0.85 -11.54 -26.70
C VAL B 79 0.52 -11.11 -26.27
N ILE B 80 1.23 -10.45 -27.18
CA ILE B 80 2.55 -9.91 -26.90
C ILE B 80 2.50 -8.40 -26.71
N VAL B 81 3.10 -7.96 -25.62
CA VAL B 81 3.32 -6.55 -25.35
C VAL B 81 4.81 -6.28 -25.29
N VAL B 82 5.33 -5.50 -26.22
CA VAL B 82 6.74 -5.17 -26.22
C VAL B 82 6.95 -3.90 -25.39
N CYS B 83 7.84 -3.97 -24.40
CA CYS B 83 8.08 -2.82 -23.57
C CYS B 83 8.98 -1.79 -24.25
N THR B 84 8.50 -0.56 -24.29
CA THR B 84 9.17 0.63 -24.82
C THR B 84 8.89 0.87 -26.30
N ASN B 85 8.85 2.14 -26.67
CA ASN B 85 8.57 2.52 -28.04
C ASN B 85 9.64 2.11 -29.04
N THR B 86 10.90 2.36 -28.70
CA THR B 86 12.02 2.06 -29.58
CA THR B 86 11.99 2.06 -29.62
C THR B 86 12.11 0.57 -29.91
N HIS B 88 9.85 -1.31 -30.58
CA HIS B 88 8.92 -1.67 -31.63
C HIS B 88 9.57 -1.70 -33.02
N LYS B 89 10.83 -1.29 -33.09
CA LYS B 89 11.57 -1.41 -34.34
C LYS B 89 11.56 -2.86 -34.83
N VAL B 90 11.47 -3.80 -33.91
CA VAL B 90 11.35 -5.21 -34.28
C VAL B 90 9.98 -5.82 -33.99
N ALA B 91 8.97 -4.98 -33.74
CA ALA B 91 7.64 -5.52 -33.42
C ALA B 91 7.06 -6.35 -34.56
N ASP B 92 7.23 -5.84 -35.79
CA ASP B 92 6.77 -6.54 -36.98
CA ASP B 92 6.73 -6.56 -36.95
C ASP B 92 7.40 -7.93 -37.07
N ASP B 93 8.70 -7.98 -36.78
CA ASP B 93 9.44 -9.25 -36.85
C ASP B 93 8.92 -10.23 -35.77
N ILE B 94 8.73 -9.71 -34.57
CA ILE B 94 8.23 -10.51 -33.47
C ILE B 94 6.86 -11.06 -33.76
N GLU B 95 5.99 -10.21 -34.28
CA GLU B 95 4.63 -10.66 -34.54
C GLU B 95 4.64 -11.73 -35.61
N ALA B 96 5.42 -11.53 -36.66
CA ALA B 96 5.49 -12.52 -37.73
C ALA B 96 6.04 -13.85 -37.20
N ALA B 97 7.05 -13.78 -36.34
CA ALA B 97 7.64 -14.98 -35.77
C ALA B 97 6.80 -15.86 -34.85
N CYS B 98 6.05 -15.26 -33.92
CA CYS B 98 5.27 -16.05 -32.96
C CYS B 98 3.81 -16.35 -33.25
N GLY B 99 3.19 -15.58 -34.12
CA GLY B 99 1.81 -15.84 -34.50
C GLY B 99 0.74 -15.36 -33.53
N LEU B 100 1.17 -14.82 -32.40
CA LEU B 100 0.26 -14.27 -31.42
C LEU B 100 -0.07 -12.85 -31.80
N PRO B 101 -1.20 -12.36 -31.33
CA PRO B 101 -1.55 -10.97 -31.57
C PRO B 101 -0.52 -10.11 -30.83
N LEU B 102 -0.15 -8.97 -31.38
CA LEU B 102 0.78 -8.08 -30.69
C LEU B 102 0.05 -6.77 -30.50
N LEU B 103 0.04 -6.27 -29.27
CA LEU B 103 -0.63 -5.01 -28.96
C LEU B 103 0.36 -3.87 -29.16
N HIS B 104 0.28 -3.24 -30.33
CA HIS B 104 1.31 -2.30 -30.75
C HIS B 104 1.13 -0.94 -30.08
N ILE B 105 2.22 -0.40 -29.56
CA ILE B 105 2.20 0.89 -28.87
C ILE B 105 1.59 2.01 -29.73
N ALA B 106 1.83 1.97 -31.04
CA ALA B 106 1.29 3.04 -31.88
C ALA B 106 -0.23 2.92 -32.03
N ASP B 107 -0.74 1.70 -32.10
CA ASP B 107 -2.18 1.50 -32.28
C ASP B 107 -2.94 1.91 -31.04
N ALA B 108 -2.39 1.59 -29.87
CA ALA B 108 -3.03 1.96 -28.61
C ALA B 108 -3.17 3.49 -28.48
N THR B 109 -2.16 4.21 -28.93
CA THR B 109 -2.20 5.67 -28.86
C THR B 109 -3.06 6.25 -29.99
N ALA B 110 -2.96 5.67 -31.18
CA ALA B 110 -3.74 6.17 -32.30
C ALA B 110 -5.23 6.23 -32.00
N VAL B 111 -5.78 5.19 -31.37
CA VAL B 111 -7.23 5.22 -31.16
C VAL B 111 -7.63 6.27 -30.12
N GLN B 112 -6.70 6.65 -29.25
CA GLN B 112 -7.04 7.67 -28.26
C GLN B 112 -7.00 9.03 -28.95
N ILE B 113 -6.02 9.20 -29.83
CA ILE B 113 -5.91 10.42 -30.60
C ILE B 113 -7.16 10.66 -31.45
N LYS B 114 -7.57 9.64 -32.19
CA LYS B 114 -8.73 9.78 -33.08
C LYS B 114 -10.02 10.02 -32.29
N GLN B 115 -10.12 9.43 -31.11
CA GLN B 115 -11.32 9.63 -30.28
C GLN B 115 -11.46 11.12 -29.93
N GLN B 116 -10.33 11.81 -29.83
CA GLN B 116 -10.36 13.24 -29.52
C GLN B 116 -10.54 14.11 -30.76
N GLY B 117 -10.76 13.48 -31.91
CA GLY B 117 -11.02 14.22 -33.14
C GLY B 117 -9.76 14.79 -33.78
N ILE B 118 -8.61 14.26 -33.38
CA ILE B 118 -7.32 14.78 -33.84
C ILE B 118 -6.80 14.00 -35.06
N ASP B 119 -6.30 14.70 -36.08
CA ASP B 119 -5.73 13.96 -37.21
C ASP B 119 -4.36 14.46 -37.63
N LYS B 120 -3.75 15.30 -36.79
CA LYS B 120 -2.40 15.79 -37.09
C LYS B 120 -1.68 15.99 -35.77
N ILE B 121 -0.57 15.29 -35.58
CA ILE B 121 0.13 15.36 -34.29
CA ILE B 121 0.12 15.26 -34.30
C ILE B 121 1.61 15.59 -34.49
N GLY B 122 2.25 16.09 -33.43
CA GLY B 122 3.68 16.29 -33.43
C GLY B 122 4.30 15.19 -32.60
N LEU B 123 5.46 14.70 -33.00
CA LEU B 123 6.05 13.52 -32.34
C LEU B 123 7.44 13.81 -31.79
N LEU B 124 7.61 13.58 -30.48
CA LEU B 124 8.90 13.66 -29.82
C LEU B 124 9.29 12.26 -29.35
N GLY B 125 10.57 11.94 -29.42
CA GLY B 125 11.02 10.63 -29.01
C GLY B 125 12.48 10.50 -29.34
N THR B 126 13.02 9.28 -29.26
CA THR B 126 14.33 9.03 -29.80
C THR B 126 14.31 9.31 -31.30
N ARG B 127 15.49 9.47 -31.88
CA ARG B 127 15.57 9.71 -33.31
C ARG B 127 14.94 8.54 -34.08
N TYR B 128 15.16 7.33 -33.58
CA TYR B 128 14.55 6.13 -34.19
C TYR B 128 13.05 6.28 -34.29
N THR B 129 12.44 6.58 -33.15
CA THR B 129 11.01 6.72 -33.06
C THR B 129 10.51 7.84 -33.97
N GLU B 131 11.90 9.13 -36.74
CA GLU B 131 12.25 9.07 -38.18
C GLU B 131 11.76 7.82 -38.89
N GLN B 132 11.83 6.71 -38.20
CA GLN B 132 11.50 5.40 -38.77
CA GLN B 132 11.47 5.43 -38.77
C GLN B 132 9.99 5.13 -38.96
N GLY B 133 9.74 4.12 -39.75
CA GLY B 133 8.42 3.63 -40.07
C GLY B 133 7.56 2.99 -38.99
N PHE B 134 8.20 2.29 -38.05
CA PHE B 134 7.50 1.49 -37.08
C PHE B 134 6.48 2.21 -36.20
N TYR B 135 6.76 3.45 -35.82
CA TYR B 135 5.79 4.15 -35.01
C TYR B 135 4.98 5.18 -35.81
N ARG B 136 5.66 6.15 -36.38
CA ARG B 136 4.98 7.18 -37.14
C ARG B 136 4.31 6.65 -38.41
N GLY B 137 4.96 5.71 -39.07
CA GLY B 137 4.41 5.16 -40.30
C GLY B 137 3.08 4.52 -40.00
N ARG B 138 3.00 3.86 -38.86
CA ARG B 138 1.77 3.24 -38.44
C ARG B 138 0.65 4.26 -38.19
N LEU B 139 1.00 5.37 -37.55
CA LEU B 139 0.00 6.40 -37.27
C LEU B 139 -0.59 6.95 -38.56
N THR B 140 0.28 7.20 -39.54
CA THR B 140 -0.17 7.83 -40.77
C THR B 140 -0.79 6.80 -41.72
N GLU B 141 -0.08 5.71 -41.97
CA GLU B 141 -0.52 4.75 -42.98
C GLU B 141 -1.74 3.96 -42.54
N LYS B 142 -1.76 3.57 -41.28
CA LYS B 142 -2.82 2.69 -40.78
C LYS B 142 -3.98 3.48 -40.18
N HIS B 143 -3.69 4.61 -39.56
CA HIS B 143 -4.74 5.37 -38.86
C HIS B 143 -5.11 6.74 -39.45
N GLY B 144 -4.38 7.20 -40.46
CA GLY B 144 -4.71 8.47 -41.12
C GLY B 144 -4.36 9.69 -40.29
N ILE B 145 -3.43 9.53 -39.36
CA ILE B 145 -2.99 10.65 -38.53
C ILE B 145 -1.71 11.23 -39.12
N GLU B 146 -1.73 12.51 -39.51
CA GLU B 146 -0.52 13.12 -40.03
C GLU B 146 0.46 13.36 -38.88
N VAL B 147 1.76 13.20 -39.16
CA VAL B 147 2.77 13.28 -38.10
C VAL B 147 3.82 14.32 -38.50
N ILE B 148 3.99 15.33 -37.64
CA ILE B 148 5.03 16.34 -37.86
C ILE B 148 6.15 16.04 -36.89
N THR B 149 7.40 16.09 -37.35
CA THR B 149 8.53 15.90 -36.46
C THR B 149 9.41 17.14 -36.44
N PRO B 150 10.28 17.24 -35.43
CA PRO B 150 11.24 18.34 -35.39
C PRO B 150 12.22 18.24 -36.56
N ASP B 151 12.88 19.35 -36.87
CA ASP B 151 13.92 19.32 -37.92
C ASP B 151 15.16 18.57 -37.43
N ASP B 152 16.15 18.39 -38.31
CA ASP B 152 17.23 17.48 -37.98
C ASP B 152 18.04 17.91 -36.77
N THR B 153 18.37 19.19 -36.69
CA THR B 153 19.13 19.71 -35.55
C THR B 153 18.37 19.52 -34.24
N ASP B 154 17.07 19.75 -34.28
CA ASP B 154 16.24 19.57 -33.08
C ASP B 154 16.10 18.09 -32.73
N ARG B 155 15.99 17.22 -33.74
CA ARG B 155 15.93 15.79 -33.46
C ARG B 155 17.22 15.30 -32.80
N GLU B 156 18.36 15.81 -33.27
CA GLU B 156 19.62 15.43 -32.68
C GLU B 156 19.64 15.81 -31.18
N ALA B 157 19.21 17.03 -30.89
CA ALA B 157 19.15 17.53 -29.52
C ALA B 157 18.20 16.72 -28.65
N VAL B 158 16.96 16.54 -29.14
CA VAL B 158 15.96 15.75 -28.42
C VAL B 158 16.50 14.35 -28.09
N ASN B 159 17.11 13.72 -29.09
CA ASN B 159 17.68 12.40 -28.95
C ASN B 159 18.86 12.38 -27.96
N ARG B 160 19.80 13.30 -28.12
CA ARG B 160 20.96 13.35 -27.22
C ARG B 160 20.52 13.48 -25.75
N ILE B 161 19.53 14.33 -25.52
CA ILE B 161 19.06 14.62 -24.17
C ILE B 161 18.44 13.38 -23.54
N ILE B 162 17.74 12.59 -24.35
CA ILE B 162 17.15 11.35 -23.84
C ILE B 162 18.24 10.36 -23.44
N TYR B 163 19.14 10.07 -24.37
CA TYR B 163 20.25 9.14 -24.13
C TYR B 163 21.31 9.58 -23.12
N GLU B 164 21.72 10.84 -23.19
CA GLU B 164 22.75 11.35 -22.29
C GLU B 164 22.29 11.90 -20.94
N GLU B 165 21.03 12.28 -20.83
CA GLU B 165 20.55 12.86 -19.59
C GLU B 165 19.34 12.21 -18.95
N LEU B 166 18.24 12.18 -19.68
CA LEU B 166 16.99 11.68 -19.13
C LEU B 166 17.02 10.20 -18.69
N CYS B 167 17.68 9.34 -19.44
CA CYS B 167 17.81 7.94 -19.05
CA CYS B 167 17.77 7.94 -19.04
C CYS B 167 18.58 7.79 -17.75
N LEU B 168 19.31 8.83 -17.36
CA LEU B 168 20.10 8.81 -16.12
C LEU B 168 19.42 9.63 -15.03
N GLY B 169 18.23 10.13 -15.34
CA GLY B 169 17.45 10.92 -14.40
C GLY B 169 17.96 12.34 -14.26
N ILE B 170 18.83 12.78 -15.18
CA ILE B 170 19.41 14.12 -15.10
C ILE B 170 18.49 15.14 -15.75
N ILE B 171 18.13 16.16 -14.97
CA ILE B 171 17.24 17.21 -15.45
C ILE B 171 18.01 18.52 -15.57
N SER B 172 18.29 18.89 -16.82
CA SER B 172 19.05 20.09 -17.11
C SER B 172 18.12 21.21 -17.55
N GLU B 173 18.31 22.40 -17.00
CA GLU B 173 17.46 23.54 -17.37
C GLU B 173 17.58 23.94 -18.85
N THR B 174 18.78 23.88 -19.38
CA THR B 174 18.97 24.20 -20.79
C THR B 174 18.31 23.16 -21.69
N SER B 175 18.33 21.90 -21.26
CA SER B 175 17.64 20.85 -22.01
C SER B 175 16.14 21.06 -21.95
N ARG B 176 15.63 21.41 -20.78
CA ARG B 176 14.21 21.69 -20.64
C ARG B 176 13.80 22.82 -21.59
N ASP B 177 14.60 23.89 -21.62
CA ASP B 177 14.31 25.00 -22.51
C ASP B 177 14.31 24.57 -23.97
N ALA B 178 15.23 23.69 -24.35
CA ALA B 178 15.27 23.17 -25.71
C ALA B 178 13.97 22.43 -26.05
N TYR B 179 13.51 21.58 -25.13
CA TYR B 179 12.30 20.81 -25.37
C TYR B 179 11.09 21.73 -25.46
N ARG B 180 11.07 22.78 -24.65
CA ARG B 180 9.96 23.71 -24.69
C ARG B 180 9.91 24.41 -26.03
N ARG B 181 11.07 24.79 -26.55
CA ARG B 181 11.14 25.41 -27.87
CA ARG B 181 11.13 25.42 -27.85
C ARG B 181 10.67 24.46 -28.95
N VAL B 182 11.07 23.19 -28.85
CA VAL B 182 10.70 22.25 -29.90
C VAL B 182 9.19 22.05 -29.90
N ILE B 183 8.59 22.00 -28.71
CA ILE B 183 7.14 21.92 -28.59
C ILE B 183 6.47 23.10 -29.31
N LYS B 184 6.94 24.32 -29.06
CA LYS B 184 6.35 25.48 -29.73
C LYS B 184 6.54 25.42 -31.25
N LYS B 185 7.68 24.90 -31.70
CA LYS B 185 7.90 24.71 -33.14
C LYS B 185 6.91 23.71 -33.75
N LEU B 186 6.60 22.63 -33.04
CA LEU B 186 5.56 21.71 -33.51
C LEU B 186 4.19 22.38 -33.53
N GLU B 187 3.87 23.10 -32.47
CA GLU B 187 2.61 23.83 -32.43
C GLU B 187 2.50 24.83 -33.59
N ALA B 188 3.61 25.47 -33.92
CA ALA B 188 3.65 26.41 -35.03
C ALA B 188 3.34 25.74 -36.38
N GLN B 189 3.62 24.44 -36.46
CA GLN B 189 3.34 23.66 -37.66
C GLN B 189 1.87 23.21 -37.71
N GLY B 190 1.08 23.63 -36.73
CA GLY B 190 -0.35 23.38 -36.72
C GLY B 190 -0.77 22.02 -36.18
N VAL B 191 0.09 21.38 -35.39
CA VAL B 191 -0.31 20.10 -34.79
C VAL B 191 -1.46 20.35 -33.80
N GLN B 192 -2.28 19.32 -33.62
CA GLN B 192 -3.47 19.36 -32.76
C GLN B 192 -3.21 18.61 -31.46
N GLY B 193 -2.03 18.02 -31.36
CA GLY B 193 -1.65 17.23 -30.21
C GLY B 193 -0.18 16.88 -30.33
N ILE B 194 0.44 16.51 -29.21
CA ILE B 194 1.84 16.10 -29.23
C ILE B 194 2.00 14.76 -28.53
N ILE B 195 2.77 13.86 -29.14
CA ILE B 195 3.08 12.58 -28.52
C ILE B 195 4.44 12.62 -27.86
N PHE B 196 4.52 12.23 -26.59
CA PHE B 196 5.79 11.98 -25.94
C PHE B 196 6.15 10.51 -26.14
N GLY B 197 7.17 10.25 -26.95
CA GLY B 197 7.49 8.89 -27.37
C GLY B 197 7.89 7.97 -26.25
N CYS B 198 8.52 8.54 -25.22
CA CYS B 198 8.97 7.75 -24.09
C CYS B 198 8.72 8.57 -22.83
N THR B 199 8.54 7.89 -21.71
CA THR B 199 8.10 8.59 -20.52
C THR B 199 9.20 9.50 -19.96
N GLU B 200 10.45 9.17 -20.26
CA GLU B 200 11.59 10.00 -19.91
C GLU B 200 11.39 11.49 -20.27
N ILE B 201 10.75 11.75 -21.40
CA ILE B 201 10.48 13.12 -21.83
C ILE B 201 9.68 13.92 -20.80
N THR B 202 8.83 13.24 -20.03
CA THR B 202 8.00 13.93 -19.04
C THR B 202 8.80 14.44 -17.84
N LEU B 203 10.08 14.10 -17.80
CA LEU B 203 10.98 14.68 -16.79
C LEU B 203 11.26 16.16 -17.07
N LEU B 204 11.16 16.55 -18.34
CA LEU B 204 11.46 17.92 -18.74
C LEU B 204 10.21 18.72 -19.02
N VAL B 205 9.25 18.08 -19.69
CA VAL B 205 8.07 18.78 -20.17
C VAL B 205 6.81 17.98 -19.91
N ASN B 206 5.69 18.68 -19.87
CA ASN B 206 4.42 18.04 -19.61
C ASN B 206 3.28 18.88 -20.19
N ALA B 207 2.05 18.53 -19.84
CA ALA B 207 0.90 19.24 -20.37
C ALA B 207 0.99 20.76 -20.20
N GLN B 208 1.64 21.20 -19.14
CA GLN B 208 1.74 22.63 -18.85
C GLN B 208 2.59 23.37 -19.88
N ASP B 209 3.36 22.62 -20.66
CA ASP B 209 4.25 23.23 -21.64
C ASP B 209 3.65 23.28 -23.02
N ALA B 210 2.46 22.70 -23.17
CA ALA B 210 1.86 22.58 -24.49
C ALA B 210 0.50 23.20 -24.51
N SER B 211 0.16 23.79 -25.66
CA SER B 211 -1.15 24.38 -25.84
C SER B 211 -2.08 23.45 -26.60
N VAL B 212 -1.63 22.20 -26.73
CA VAL B 212 -2.43 21.14 -27.32
C VAL B 212 -2.31 19.93 -26.40
N PRO B 213 -3.27 18.99 -26.49
CA PRO B 213 -3.21 17.79 -25.65
C PRO B 213 -1.93 17.01 -25.91
N VAL B 214 -1.38 16.43 -24.85
CA VAL B 214 -0.18 15.62 -24.96
C VAL B 214 -0.52 14.17 -24.65
N PHE B 215 0.14 13.26 -25.36
CA PHE B 215 -0.15 11.84 -25.24
C PHE B 215 1.11 11.11 -24.80
N ASP B 216 1.08 10.54 -23.59
CA ASP B 216 2.21 9.76 -23.08
C ASP B 216 2.06 8.35 -23.60
N THR B 217 2.68 8.06 -24.74
CA THR B 217 2.35 6.83 -25.48
C THR B 217 2.72 5.57 -24.70
N THR B 218 3.77 5.64 -23.90
CA THR B 218 4.17 4.49 -23.09
C THR B 218 3.16 4.20 -21.97
N ALA B 219 2.71 5.25 -21.30
CA ALA B 219 1.70 5.08 -20.27
C ALA B 219 0.40 4.56 -20.88
N ILE B 220 0.04 5.08 -22.05
CA ILE B 220 -1.17 4.67 -22.75
C ILE B 220 -1.06 3.17 -23.13
N HIS B 221 0.16 2.76 -23.46
CA HIS B 221 0.42 1.38 -23.85
C HIS B 221 0.15 0.44 -22.69
N ALA B 222 0.67 0.75 -21.51
CA ALA B 222 0.45 -0.10 -20.36
C ALA B 222 -1.04 -0.13 -19.97
N SER B 223 -1.70 1.02 -20.08
CA SER B 223 -3.14 1.09 -19.81
C SER B 223 -3.94 0.21 -20.79
N ALA B 224 -3.60 0.28 -22.06
CA ALA B 224 -4.24 -0.54 -23.08
C ALA B 224 -4.00 -2.04 -22.86
N ALA B 225 -2.79 -2.41 -22.43
CA ALA B 225 -2.48 -3.82 -22.15
C ALA B 225 -3.38 -4.32 -21.02
N ALA B 226 -3.46 -3.55 -19.94
CA ALA B 226 -4.33 -3.96 -18.83
C ALA B 226 -5.77 -4.06 -19.31
N ASP B 227 -6.24 -3.07 -20.06
CA ASP B 227 -7.61 -3.09 -20.55
C ASP B 227 -7.90 -4.31 -21.41
N TYR B 228 -6.97 -4.63 -22.31
CA TYR B 228 -7.17 -5.78 -23.17
C TYR B 228 -7.19 -7.11 -22.42
N ALA B 229 -6.38 -7.24 -21.37
CA ALA B 229 -6.38 -8.45 -20.56
C ALA B 229 -7.74 -8.68 -19.92
N LEU B 230 -8.45 -7.59 -19.70
CA LEU B 230 -9.74 -7.66 -18.97
C LEU B 230 -10.92 -7.76 -19.90
N GLN B 231 -10.67 -7.72 -21.21
CA GLN B 231 -11.72 -7.96 -22.19
C GLN B 231 -11.89 -9.45 -22.51
N LYS C 3 -24.12 4.38 0.76
CA LYS C 3 -24.69 5.00 1.95
C LYS C 3 -23.61 5.58 2.85
N ILE C 4 -23.93 6.69 3.50
CA ILE C 4 -23.01 7.27 4.46
C ILE C 4 -23.20 6.58 5.81
N LEU C 5 -22.13 5.99 6.32
CA LEU C 5 -22.17 5.26 7.58
C LEU C 5 -21.90 6.20 8.73
N GLY C 6 -22.73 6.13 9.77
CA GLY C 6 -22.47 6.89 10.97
C GLY C 6 -21.90 5.93 12.01
N LEU C 7 -20.64 6.13 12.40
CA LEU C 7 -20.01 5.28 13.43
C LEU C 7 -19.93 6.02 14.75
N ILE C 8 -20.28 5.31 15.84
CA ILE C 8 -20.13 5.86 17.17
C ILE C 8 -19.02 5.07 17.84
N GLY C 9 -17.90 5.74 18.13
CA GLY C 9 -16.73 5.05 18.62
C GLY C 9 -16.00 5.81 19.71
N GLY C 10 -14.71 5.53 19.85
CA GLY C 10 -13.92 6.10 20.93
C GLY C 10 -14.05 5.31 22.22
N SER C 12 -12.93 1.71 23.07
CA SER C 12 -11.98 2.83 23.10
C SER C 12 -11.58 3.23 21.68
N TRP C 13 -10.76 4.27 21.56
CA TRP C 13 -10.32 4.68 20.24
C TRP C 13 -9.49 3.57 19.60
N GLU C 14 -8.79 2.79 20.41
CA GLU C 14 -8.03 1.66 19.89
C GLU C 14 -8.95 0.61 19.25
N SER C 15 -10.15 0.41 19.79
CA SER C 15 -11.06 -0.57 19.18
C SER C 15 -11.89 0.02 18.03
N THR C 16 -11.79 1.34 17.85
CA THR C 16 -12.49 1.97 16.75
C THR C 16 -11.66 1.88 15.46
N ILE C 17 -10.35 1.96 15.59
CA ILE C 17 -9.50 1.90 14.42
C ILE C 17 -9.77 0.65 13.55
N PRO C 18 -9.87 -0.54 14.18
CA PRO C 18 -10.22 -1.72 13.36
C PRO C 18 -11.48 -1.57 12.49
N TYR C 19 -12.51 -0.89 13.01
CA TYR C 19 -13.70 -0.66 12.19
C TYR C 19 -13.38 0.20 11.00
N TYR C 20 -12.66 1.28 11.26
CA TYR C 20 -12.37 2.23 10.21
C TYR C 20 -11.52 1.55 9.15
N ARG C 21 -10.52 0.79 9.59
CA ARG C 21 -9.66 0.06 8.64
C ARG C 21 -10.46 -0.93 7.81
N ILE C 23 -13.79 -1.46 7.32
CA ILE C 23 -14.87 -0.96 6.45
C ILE C 23 -14.27 -0.41 5.15
N ASN C 24 -13.21 0.36 5.28
CA ASN C 24 -12.52 0.90 4.12
C ASN C 24 -11.91 -0.19 3.22
N GLN C 25 -11.32 -1.21 3.83
CA GLN C 25 -10.74 -2.30 3.04
C GLN C 25 -11.84 -3.01 2.24
N HIS C 26 -12.99 -3.23 2.89
CA HIS C 26 -14.10 -3.91 2.21
C HIS C 26 -14.66 -3.10 1.05
N VAL C 27 -14.79 -1.80 1.24
CA VAL C 27 -15.34 -0.93 0.19
C VAL C 27 -14.38 -0.91 -1.00
N LYS C 28 -13.09 -0.75 -0.72
CA LYS C 28 -12.08 -0.77 -1.78
C LYS C 28 -12.08 -2.10 -2.54
N ALA C 29 -12.22 -3.21 -1.82
CA ALA C 29 -12.26 -4.51 -2.47
C ALA C 29 -13.48 -4.66 -3.38
N GLN C 30 -14.62 -4.14 -2.96
CA GLN C 30 -15.84 -4.31 -3.73
C GLN C 30 -15.94 -3.36 -4.92
N LEU C 31 -15.44 -2.14 -4.77
CA LEU C 31 -15.65 -1.11 -5.78
C LEU C 31 -14.43 -0.88 -6.66
N GLY C 32 -13.25 -1.22 -6.14
CA GLY C 32 -12.01 -0.93 -6.84
C GLY C 32 -11.73 0.56 -6.97
N GLY C 33 -11.07 0.95 -8.06
CA GLY C 33 -10.62 2.31 -8.23
C GLY C 33 -9.82 2.76 -7.01
N LEU C 34 -10.05 3.99 -6.58
CA LEU C 34 -9.46 4.44 -5.33
C LEU C 34 -10.54 4.61 -4.28
N HIS C 35 -11.65 3.89 -4.43
CA HIS C 35 -12.81 4.07 -3.56
C HIS C 35 -12.52 3.76 -2.10
N SER C 36 -13.03 4.62 -1.20
CA SER C 36 -13.01 4.37 0.23
C SER C 36 -14.41 4.65 0.75
N ALA C 37 -14.70 4.22 1.97
CA ALA C 37 -16.04 4.36 2.53
C ALA C 37 -16.37 5.79 2.90
N LYS C 38 -17.64 6.15 2.82
CA LYS C 38 -18.07 7.43 3.35
C LYS C 38 -18.48 7.18 4.78
N ILE C 39 -17.69 7.70 5.71
CA ILE C 39 -17.89 7.41 7.13
C ILE C 39 -17.89 8.72 7.88
N ILE C 40 -18.90 8.91 8.74
CA ILE C 40 -18.82 10.00 9.69
C ILE C 40 -18.72 9.34 11.05
N LEU C 41 -17.59 9.54 11.72
CA LEU C 41 -17.33 8.90 13.01
C LEU C 41 -17.41 9.91 14.13
N TYR C 42 -18.26 9.64 15.12
CA TYR C 42 -18.31 10.44 16.33
C TYR C 42 -17.53 9.67 17.38
N SER C 43 -16.34 10.17 17.72
CA SER C 43 -15.51 9.51 18.70
C SER C 43 -15.60 10.29 20.02
N VAL C 44 -16.23 9.68 21.01
CA VAL C 44 -16.43 10.32 22.30
C VAL C 44 -15.20 10.24 23.20
N ASP C 45 -15.22 11.04 24.26
CA ASP C 45 -14.17 10.95 25.23
C ASP C 45 -14.62 9.79 26.12
N PHE C 46 -13.84 8.72 26.13
CA PHE C 46 -14.19 7.49 26.85
C PHE C 46 -14.37 7.74 28.34
N HIS C 47 -13.62 8.69 28.86
CA HIS C 47 -13.67 8.99 30.28
C HIS C 47 -15.10 9.35 30.68
N GLU C 48 -15.80 10.08 29.82
CA GLU C 48 -17.17 10.45 30.15
C GLU C 48 -18.07 9.22 30.29
N ILE C 49 -17.90 8.25 29.40
CA ILE C 49 -18.70 7.01 29.46
C ILE C 49 -18.29 6.18 30.68
N GLU C 50 -16.99 6.11 30.94
CA GLU C 50 -16.50 5.36 32.09
C GLU C 50 -17.05 5.91 33.40
N GLN C 51 -17.06 7.23 33.56
CA GLN C 51 -17.58 7.81 34.79
C GLN C 51 -19.04 7.44 34.98
N LEU C 52 -19.79 7.35 33.87
CA LEU C 52 -21.20 7.03 33.94
C LEU C 52 -21.42 5.57 34.32
N GLN C 53 -20.68 4.68 33.65
CA GLN C 53 -20.75 3.27 34.00
C GLN C 53 -20.39 3.02 35.46
N ALA C 54 -19.43 3.78 35.97
CA ALA C 54 -19.00 3.62 37.36
C ALA C 54 -20.10 3.98 38.36
N LYS C 55 -21.04 4.83 37.94
CA LYS C 55 -22.15 5.22 38.80
C LYS C 55 -23.40 4.38 38.51
N GLY C 56 -23.27 3.46 37.57
CA GLY C 56 -24.40 2.66 37.09
C GLY C 56 -25.44 3.47 36.34
N ASP C 57 -25.03 4.62 35.82
CA ASP C 57 -25.97 5.55 35.18
C ASP C 57 -26.06 5.27 33.69
N TRP C 58 -26.73 4.17 33.35
CA TRP C 58 -26.83 3.80 31.94
C TRP C 58 -27.80 4.70 31.20
N GLN C 59 -28.73 5.31 31.93
CA GLN C 59 -29.66 6.28 31.36
C GLN C 59 -28.91 7.44 30.71
N THR C 60 -27.98 8.02 31.45
CA THR C 60 -27.21 9.14 30.92
C THR C 60 -26.27 8.67 29.81
N ALA C 61 -25.68 7.50 29.97
CA ALA C 61 -24.84 6.94 28.93
C ALA C 61 -25.64 6.76 27.64
N ALA C 62 -26.87 6.27 27.76
CA ALA C 62 -27.75 6.11 26.62
C ALA C 62 -28.00 7.48 25.97
N GLN C 63 -28.24 8.50 26.79
CA GLN C 63 -28.46 9.84 26.27
C GLN C 63 -27.23 10.39 25.53
N LEU C 64 -26.05 10.14 26.07
CA LEU C 64 -24.81 10.64 25.46
C LEU C 64 -24.63 10.06 24.05
N LEU C 65 -24.80 8.75 23.94
CA LEU C 65 -24.60 8.11 22.65
C LEU C 65 -25.78 8.40 21.70
N SER C 66 -26.98 8.53 22.25
CA SER C 66 -28.13 8.93 21.45
C SER C 66 -27.92 10.31 20.84
N ASN C 67 -27.40 11.23 21.63
CA ASN C 67 -27.10 12.56 21.11
C ASN C 67 -26.03 12.52 20.03
N ALA C 68 -25.03 11.65 20.20
CA ALA C 68 -24.02 11.50 19.15
C ALA C 68 -24.66 11.03 17.86
N ALA C 69 -25.59 10.09 17.97
CA ALA C 69 -26.28 9.55 16.80
C ALA C 69 -27.07 10.62 16.07
N ILE C 70 -27.77 11.46 16.83
CA ILE C 70 -28.53 12.56 16.23
C ILE C 70 -27.59 13.56 15.52
N SER C 71 -26.47 13.86 16.14
CA SER C 71 -25.46 14.74 15.53
C SER C 71 -24.97 14.14 14.21
N LEU C 72 -24.79 12.82 14.19
CA LEU C 72 -24.35 12.14 12.97
C LEU C 72 -25.44 12.21 11.91
N LYS C 73 -26.68 12.06 12.35
CA LYS C 73 -27.80 12.23 11.41
C LYS C 73 -27.79 13.62 10.79
N HIS C 74 -27.57 14.65 11.61
CA HIS C 74 -27.52 16.02 11.09
C HIS C 74 -26.40 16.19 10.06
N ALA C 75 -25.32 15.43 10.24
CA ALA C 75 -24.16 15.52 9.37
C ALA C 75 -24.38 14.73 8.08
N GLY C 76 -25.43 13.91 8.05
CA GLY C 76 -25.76 13.17 6.84
C GLY C 76 -25.66 11.65 6.91
N ALA C 77 -25.35 11.12 8.09
CA ALA C 77 -25.27 9.66 8.25
C ALA C 77 -26.65 9.03 7.98
N GLU C 78 -26.65 7.85 7.36
CA GLU C 78 -27.90 7.17 6.96
C GLU C 78 -28.16 5.90 7.76
N VAL C 79 -27.19 5.51 8.59
CA VAL C 79 -27.29 4.32 9.42
C VAL C 79 -26.28 4.48 10.55
N ILE C 80 -26.55 3.85 11.68
CA ILE C 80 -25.67 3.94 12.84
C ILE C 80 -24.98 2.61 13.09
N VAL C 81 -23.68 2.69 13.36
CA VAL C 81 -22.87 1.56 13.72
C VAL C 81 -22.18 1.89 15.05
N VAL C 82 -22.45 1.10 16.08
CA VAL C 82 -21.85 1.34 17.38
C VAL C 82 -20.61 0.46 17.44
N CYS C 83 -19.44 1.08 17.62
CA CYS C 83 -18.20 0.32 17.56
C CYS C 83 -17.74 -0.33 18.87
N THR C 84 -18.67 -0.96 19.56
CA THR C 84 -18.35 -1.70 20.77
C THR C 84 -19.47 -2.70 21.04
N ASN C 85 -19.13 -3.92 21.43
CA ASN C 85 -20.18 -4.90 21.72
C ASN C 85 -21.02 -4.52 22.93
N THR C 86 -20.34 -4.17 24.01
CA THR C 86 -21.00 -3.87 25.27
C THR C 86 -21.93 -2.70 25.20
N HIS C 88 -23.81 -1.86 23.01
CA HIS C 88 -25.12 -2.23 22.48
C HIS C 88 -26.16 -2.38 23.58
N LYS C 89 -25.71 -2.33 24.83
CA LYS C 89 -26.62 -2.32 25.98
C LYS C 89 -27.61 -1.15 25.82
N VAL C 90 -27.17 -0.08 25.13
CA VAL C 90 -28.05 1.07 24.88
C VAL C 90 -28.41 1.25 23.40
N ALA C 91 -28.21 0.21 22.58
CA ALA C 91 -28.51 0.32 21.15
C ALA C 91 -29.99 0.59 20.86
N ASP C 92 -30.88 -0.06 21.62
CA ASP C 92 -32.29 0.22 21.42
C ASP C 92 -32.61 1.69 21.70
N ASP C 93 -31.99 2.25 22.74
CA ASP C 93 -32.21 3.67 23.06
C ASP C 93 -31.71 4.55 21.92
N ILE C 94 -30.52 4.25 21.42
CA ILE C 94 -29.93 5.03 20.34
C ILE C 94 -30.84 5.00 19.13
N GLU C 95 -31.30 3.81 18.77
CA GLU C 95 -32.11 3.65 17.57
C GLU C 95 -33.42 4.42 17.68
N ALA C 96 -34.07 4.29 18.84
CA ALA C 96 -35.34 4.95 19.11
C ALA C 96 -35.15 6.46 19.10
N ALA C 97 -34.00 6.92 19.59
CA ALA C 97 -33.77 8.37 19.70
C ALA C 97 -33.49 9.03 18.37
N CYS C 98 -32.72 8.38 17.49
CA CYS C 98 -32.28 9.06 16.28
C CYS C 98 -33.11 8.74 15.04
N GLY C 99 -33.85 7.64 15.05
CA GLY C 99 -34.72 7.33 13.94
C GLY C 99 -34.03 6.80 12.69
N LEU C 100 -32.71 6.71 12.72
CA LEU C 100 -31.97 6.02 11.66
C LEU C 100 -31.96 4.50 11.89
N PRO C 101 -31.83 3.73 10.81
CA PRO C 101 -31.56 2.30 11.01
C PRO C 101 -30.28 2.15 11.83
N LEU C 102 -30.23 1.13 12.69
CA LEU C 102 -29.01 0.83 13.42
C LEU C 102 -28.58 -0.58 13.05
N LEU C 103 -27.36 -0.73 12.57
CA LEU C 103 -26.86 -2.04 12.18
C LEU C 103 -26.31 -2.72 13.43
N HIS C 104 -27.14 -3.58 14.04
CA HIS C 104 -26.84 -4.14 15.35
C HIS C 104 -25.79 -5.26 15.25
N ILE C 105 -24.75 -5.20 16.09
CA ILE C 105 -23.66 -6.19 16.06
C ILE C 105 -24.14 -7.64 16.21
N ALA C 106 -25.19 -7.85 17.00
CA ALA C 106 -25.71 -9.21 17.17
C ALA C 106 -26.36 -9.72 15.89
N ASP C 107 -27.04 -8.84 15.16
CA ASP C 107 -27.68 -9.22 13.91
C ASP C 107 -26.62 -9.56 12.87
N ALA C 108 -25.56 -8.78 12.82
CA ALA C 108 -24.50 -9.07 11.85
C ALA C 108 -23.81 -10.41 12.14
N THR C 109 -23.56 -10.69 13.42
CA THR C 109 -23.02 -11.98 13.81
C THR C 109 -23.99 -13.11 13.45
N ALA C 110 -25.27 -12.90 13.75
CA ALA C 110 -26.27 -13.95 13.49
C ALA C 110 -26.27 -14.36 12.02
N VAL C 111 -26.10 -13.38 11.13
CA VAL C 111 -26.03 -13.64 9.70
C VAL C 111 -24.94 -14.67 9.39
N GLN C 112 -23.76 -14.47 9.97
CA GLN C 112 -22.65 -15.39 9.70
C GLN C 112 -22.84 -16.76 10.33
N ILE C 113 -23.42 -16.76 11.53
CA ILE C 113 -23.71 -18.02 12.22
C ILE C 113 -24.68 -18.84 11.39
N LYS C 114 -25.73 -18.19 10.90
CA LYS C 114 -26.73 -18.85 10.07
C LYS C 114 -26.10 -19.36 8.78
N GLN C 115 -25.19 -18.58 8.22
CA GLN C 115 -24.52 -18.95 6.96
C GLN C 115 -23.72 -20.23 7.13
N GLN C 116 -23.29 -20.52 8.36
CA GLN C 116 -22.56 -21.75 8.62
C GLN C 116 -23.45 -22.89 9.11
N GLY C 117 -24.76 -22.67 9.08
CA GLY C 117 -25.72 -23.70 9.47
C GLY C 117 -25.75 -24.03 10.96
N ILE C 118 -25.29 -23.10 11.78
CA ILE C 118 -25.15 -23.32 13.22
C ILE C 118 -26.40 -22.90 13.99
N ASP C 119 -26.88 -23.73 14.91
CA ASP C 119 -28.03 -23.37 15.73
C ASP C 119 -27.72 -23.35 17.23
N LYS C 120 -26.48 -23.64 17.58
CA LYS C 120 -26.05 -23.63 18.98
C LYS C 120 -24.64 -23.07 19.08
N ILE C 121 -24.50 -21.93 19.77
CA ILE C 121 -23.23 -21.21 19.77
C ILE C 121 -22.78 -20.90 21.19
N GLY C 122 -21.47 -20.83 21.40
CA GLY C 122 -20.92 -20.36 22.66
C GLY C 122 -20.63 -18.87 22.58
N LEU C 123 -20.69 -18.18 23.71
CA LEU C 123 -20.49 -16.73 23.69
C LEU C 123 -19.55 -16.26 24.79
N LEU C 124 -18.48 -15.57 24.39
CA LEU C 124 -17.56 -14.89 25.30
C LEU C 124 -17.62 -13.37 25.09
N GLY C 125 -17.52 -12.62 26.18
CA GLY C 125 -17.50 -11.17 26.12
C GLY C 125 -17.49 -10.61 27.53
N THR C 126 -17.85 -9.33 27.70
CA THR C 126 -18.05 -8.81 29.04
C THR C 126 -19.26 -9.52 29.64
N ARG C 127 -19.45 -9.40 30.95
CA ARG C 127 -20.60 -9.98 31.60
C ARG C 127 -21.90 -9.43 30.99
N TYR C 128 -21.93 -8.14 30.68
CA TYR C 128 -23.10 -7.53 30.07
C TYR C 128 -23.46 -8.26 28.79
N THR C 129 -22.47 -8.42 27.93
CA THR C 129 -22.68 -9.06 26.65
C THR C 129 -23.09 -10.52 26.80
N GLU C 131 -24.61 -12.01 29.43
CA GLU C 131 -25.79 -12.31 30.25
C GLU C 131 -27.08 -11.63 29.81
N GLN C 132 -26.97 -10.46 29.18
CA GLN C 132 -28.14 -9.61 29.03
C GLN C 132 -28.87 -9.79 27.71
N GLY C 133 -30.05 -9.19 27.61
CA GLY C 133 -30.91 -9.41 26.48
C GLY C 133 -30.41 -8.77 25.21
N PHE C 134 -29.63 -7.70 25.33
CA PHE C 134 -29.22 -6.94 24.17
C PHE C 134 -28.42 -7.71 23.13
N TYR C 135 -27.54 -8.61 23.57
CA TYR C 135 -26.80 -9.41 22.62
C TYR C 135 -27.22 -10.89 22.65
N ARG C 136 -27.03 -11.53 23.80
CA ARG C 136 -27.36 -12.94 23.95
C ARG C 136 -28.85 -13.20 23.76
N GLY C 137 -29.68 -12.40 24.40
CA GLY C 137 -31.12 -12.51 24.23
C GLY C 137 -31.59 -12.27 22.80
N ARG C 138 -30.87 -11.46 22.06
CA ARG C 138 -31.26 -11.16 20.67
C ARG C 138 -30.95 -12.30 19.69
N LEU C 139 -29.79 -12.93 19.87
CA LEU C 139 -29.44 -14.09 19.06
C LEU C 139 -30.54 -15.14 19.18
N THR C 140 -31.04 -15.30 20.39
CA THR C 140 -31.98 -16.37 20.66
C THR C 140 -33.40 -15.96 20.27
N GLU C 141 -33.87 -14.85 20.80
CA GLU C 141 -35.27 -14.48 20.59
C GLU C 141 -35.57 -14.04 19.16
N LYS C 142 -34.61 -13.35 18.52
CA LYS C 142 -34.82 -12.86 17.16
C LYS C 142 -34.38 -13.85 16.07
N HIS C 143 -33.26 -14.53 16.30
CA HIS C 143 -32.66 -15.38 15.26
C HIS C 143 -32.75 -16.87 15.52
N GLY C 144 -33.26 -17.25 16.69
CA GLY C 144 -33.48 -18.65 16.99
C GLY C 144 -32.21 -19.46 17.22
N ILE C 145 -31.13 -18.79 17.59
CA ILE C 145 -29.87 -19.44 17.86
C ILE C 145 -29.74 -19.68 19.38
N GLU C 146 -29.50 -20.92 19.78
CA GLU C 146 -29.28 -21.20 21.18
C GLU C 146 -27.90 -20.69 21.58
N VAL C 147 -27.81 -20.01 22.72
CA VAL C 147 -26.54 -19.44 23.16
C VAL C 147 -26.14 -20.07 24.47
N ILE C 148 -24.91 -20.55 24.53
CA ILE C 148 -24.35 -21.15 25.73
C ILE C 148 -23.21 -20.24 26.21
N THR C 149 -23.23 -19.89 27.49
CA THR C 149 -22.16 -19.06 28.04
C THR C 149 -21.44 -19.86 29.12
N PRO C 150 -20.28 -19.37 29.57
CA PRO C 150 -19.62 -20.08 30.66
C PRO C 150 -20.44 -20.01 31.94
N ASP C 151 -20.07 -20.79 32.94
CA ASP C 151 -20.71 -20.70 34.23
C ASP C 151 -20.25 -19.46 34.94
N ASP C 152 -20.83 -19.18 36.11
CA ASP C 152 -20.62 -17.89 36.74
C ASP C 152 -19.16 -17.64 37.10
N THR C 153 -18.52 -18.64 37.70
CA THR C 153 -17.12 -18.48 38.08
C THR C 153 -16.24 -18.15 36.86
N ASP C 154 -16.52 -18.82 35.76
CA ASP C 154 -15.78 -18.59 34.53
C ASP C 154 -16.13 -17.26 33.86
N ARG C 155 -17.40 -16.83 33.98
CA ARG C 155 -17.77 -15.52 33.43
C ARG C 155 -17.07 -14.43 34.20
N GLU C 156 -16.90 -14.64 35.50
CA GLU C 156 -16.22 -13.68 36.34
C GLU C 156 -14.77 -13.52 35.87
N ALA C 157 -14.12 -14.64 35.57
CA ALA C 157 -12.75 -14.62 35.09
C ALA C 157 -12.64 -13.98 33.70
N VAL C 158 -13.51 -14.38 32.79
CA VAL C 158 -13.54 -13.79 31.45
C VAL C 158 -13.69 -12.26 31.52
N ASN C 159 -14.68 -11.83 32.30
CA ASN C 159 -14.93 -10.41 32.50
C ASN C 159 -13.77 -9.66 33.15
N ARG C 160 -13.24 -10.21 34.24
CA ARG C 160 -12.13 -9.56 34.93
CA ARG C 160 -12.12 -9.58 34.93
C ARG C 160 -10.93 -9.35 34.00
N ILE C 161 -10.62 -10.36 33.21
CA ILE C 161 -9.49 -10.29 32.29
C ILE C 161 -9.66 -9.16 31.26
N ILE C 162 -10.88 -8.99 30.76
CA ILE C 162 -11.14 -7.90 29.83
C ILE C 162 -10.90 -6.54 30.48
N TYR C 163 -11.65 -6.22 31.52
CA TYR C 163 -11.51 -4.92 32.17
C TYR C 163 -10.19 -4.67 32.88
N GLU C 164 -9.76 -5.67 33.65
CA GLU C 164 -8.52 -5.60 34.39
C GLU C 164 -7.21 -5.71 33.61
N GLU C 165 -7.17 -6.52 32.57
CA GLU C 165 -5.94 -6.71 31.83
C GLU C 165 -5.91 -6.29 30.35
N LEU C 166 -6.79 -6.87 29.55
CA LEU C 166 -6.80 -6.60 28.11
C LEU C 166 -7.04 -5.14 27.76
N CYS C 167 -7.96 -4.52 28.48
CA CYS C 167 -8.28 -3.14 28.25
C CYS C 167 -7.08 -2.23 28.54
N LEU C 168 -6.21 -2.68 29.44
CA LEU C 168 -5.04 -1.87 29.81
C LEU C 168 -3.81 -2.31 29.03
N GLY C 169 -4.02 -3.21 28.08
CA GLY C 169 -2.95 -3.67 27.21
C GLY C 169 -2.11 -4.77 27.82
N ILE C 170 -2.57 -5.33 28.93
CA ILE C 170 -1.90 -6.45 29.57
C ILE C 170 -2.35 -7.76 28.93
N ILE C 171 -1.43 -8.46 28.28
CA ILE C 171 -1.77 -9.74 27.66
C ILE C 171 -1.01 -10.88 28.33
N SER C 172 -1.72 -11.60 29.19
CA SER C 172 -1.11 -12.57 30.10
C SER C 172 -1.26 -14.02 29.62
N GLU C 173 -0.17 -14.78 29.73
CA GLU C 173 -0.18 -16.18 29.32
C GLU C 173 -1.13 -17.03 30.17
N THR C 174 -1.22 -16.71 31.45
CA THR C 174 -2.09 -17.45 32.35
C THR C 174 -3.56 -17.12 32.06
N SER C 175 -3.81 -15.88 31.67
CA SER C 175 -5.14 -15.47 31.27
C SER C 175 -5.51 -16.15 29.96
N ARG C 176 -4.55 -16.30 29.07
CA ARG C 176 -4.79 -17.04 27.84
C ARG C 176 -5.19 -18.49 28.15
N ASP C 177 -4.47 -19.13 29.07
CA ASP C 177 -4.77 -20.50 29.45
C ASP C 177 -6.16 -20.62 30.07
N ALA C 178 -6.56 -19.60 30.82
CA ALA C 178 -7.90 -19.59 31.42
C ALA C 178 -8.96 -19.54 30.32
N TYR C 179 -8.76 -18.68 29.32
CA TYR C 179 -9.72 -18.60 28.22
C TYR C 179 -9.72 -19.90 27.43
N ARG C 180 -8.56 -20.51 27.25
CA ARG C 180 -8.48 -21.78 26.54
C ARG C 180 -9.31 -22.85 27.25
N ARG C 181 -9.25 -22.87 28.57
CA ARG C 181 -10.03 -23.81 29.36
C ARG C 181 -11.52 -23.54 29.26
N VAL C 182 -11.89 -22.27 29.33
CA VAL C 182 -13.31 -21.91 29.22
C VAL C 182 -13.86 -22.33 27.85
N ILE C 183 -13.08 -22.10 26.81
CA ILE C 183 -13.44 -22.54 25.47
C ILE C 183 -13.71 -24.05 25.40
N LYS C 184 -12.83 -24.85 26.00
CA LYS C 184 -13.06 -26.29 26.02
C LYS C 184 -14.36 -26.69 26.73
N LYS C 185 -14.69 -25.98 27.80
CA LYS C 185 -15.95 -26.21 28.50
C LYS C 185 -17.16 -25.88 27.62
N LEU C 186 -17.09 -24.78 26.87
CA LEU C 186 -18.19 -24.46 25.97
C LEU C 186 -18.34 -25.57 24.94
N GLU C 187 -17.21 -26.00 24.39
CA GLU C 187 -17.25 -27.02 23.35
C GLU C 187 -17.81 -28.32 23.94
N ALA C 188 -17.50 -28.56 25.21
CA ALA C 188 -18.04 -29.74 25.88
C ALA C 188 -19.57 -29.71 25.97
N GLN C 189 -20.15 -28.50 25.90
CA GLN C 189 -21.61 -28.35 25.93
C GLN C 189 -22.23 -28.54 24.56
N GLY C 190 -21.41 -28.91 23.57
CA GLY C 190 -21.91 -29.15 22.23
C GLY C 190 -22.14 -27.92 21.37
N VAL C 191 -21.48 -26.80 21.69
CA VAL C 191 -21.61 -25.63 20.82
C VAL C 191 -20.93 -25.91 19.47
N GLN C 192 -21.43 -25.25 18.43
CA GLN C 192 -20.97 -25.50 17.06
C GLN C 192 -20.02 -24.41 16.60
N GLY C 193 -19.88 -23.39 17.43
CA GLY C 193 -18.94 -22.32 17.21
C GLY C 193 -18.86 -21.48 18.47
N ILE C 194 -17.93 -20.53 18.49
CA ILE C 194 -17.79 -19.67 19.64
C ILE C 194 -17.68 -18.23 19.18
N ILE C 195 -18.45 -17.34 19.80
CA ILE C 195 -18.37 -15.93 19.50
C ILE C 195 -17.35 -15.26 20.41
N PHE C 196 -16.39 -14.56 19.83
CA PHE C 196 -15.53 -13.66 20.60
C PHE C 196 -16.21 -12.30 20.53
N GLY C 197 -16.98 -11.99 21.56
CA GLY C 197 -17.89 -10.84 21.54
C GLY C 197 -17.32 -9.62 22.25
N CYS C 198 -16.05 -9.39 21.98
CA CYS C 198 -15.31 -8.27 22.54
C CYS C 198 -14.03 -8.16 21.74
N THR C 199 -13.75 -6.98 21.21
CA THR C 199 -12.57 -6.77 20.38
C THR C 199 -11.31 -7.24 21.08
N GLU C 200 -11.19 -6.90 22.36
CA GLU C 200 -10.00 -7.21 23.14
C GLU C 200 -9.74 -8.70 23.34
N ILE C 201 -10.79 -9.51 23.32
CA ILE C 201 -10.61 -10.96 23.47
C ILE C 201 -9.68 -11.50 22.39
N THR C 202 -9.75 -10.92 21.19
CA THR C 202 -8.96 -11.39 20.05
C THR C 202 -7.47 -11.11 20.23
N LEU C 203 -7.13 -10.27 21.20
CA LEU C 203 -5.73 -10.01 21.51
C LEU C 203 -5.14 -11.20 22.26
N LEU C 204 -6.01 -12.01 22.84
CA LEU C 204 -5.59 -13.07 23.75
C LEU C 204 -5.70 -14.47 23.13
N VAL C 205 -6.79 -14.73 22.43
CA VAL C 205 -7.01 -16.04 21.83
C VAL C 205 -7.45 -15.89 20.38
N ASN C 206 -7.38 -16.97 19.62
CA ASN C 206 -7.79 -16.91 18.23
C ASN C 206 -8.38 -18.23 17.77
N ALA C 207 -8.52 -18.39 16.46
CA ALA C 207 -9.12 -19.59 15.89
C ALA C 207 -8.38 -20.85 16.28
N GLN C 208 -7.08 -20.72 16.55
CA GLN C 208 -6.27 -21.89 16.89
C GLN C 208 -6.54 -22.38 18.31
N ASP C 209 -7.30 -21.59 19.07
CA ASP C 209 -7.59 -21.94 20.45
C ASP C 209 -8.95 -22.65 20.60
N ALA C 210 -9.62 -22.90 19.49
CA ALA C 210 -10.90 -23.59 19.52
C ALA C 210 -10.94 -24.69 18.46
N SER C 211 -11.80 -25.68 18.66
CA SER C 211 -11.97 -26.75 17.71
C SER C 211 -13.21 -26.55 16.84
N VAL C 212 -13.92 -25.46 17.08
CA VAL C 212 -15.10 -25.09 16.31
C VAL C 212 -14.88 -23.72 15.71
N PRO C 213 -15.66 -23.34 14.69
CA PRO C 213 -15.50 -22.00 14.09
C PRO C 213 -15.56 -20.88 15.12
N VAL C 214 -14.68 -19.88 15.00
CA VAL C 214 -14.79 -18.69 15.86
C VAL C 214 -15.31 -17.48 15.10
N PHE C 215 -16.10 -16.67 15.78
CA PHE C 215 -16.70 -15.51 15.17
C PHE C 215 -16.20 -14.26 15.87
N ASP C 216 -15.45 -13.46 15.13
CA ASP C 216 -14.86 -12.24 15.66
C ASP C 216 -15.89 -11.15 15.41
N THR C 217 -16.66 -10.77 16.44
CA THR C 217 -17.84 -9.93 16.19
C THR C 217 -17.48 -8.57 15.63
N THR C 218 -16.36 -8.02 16.06
CA THR C 218 -15.92 -6.71 15.56
C THR C 218 -15.62 -6.74 14.06
N ALA C 219 -14.90 -7.78 13.62
CA ALA C 219 -14.56 -7.92 12.21
C ALA C 219 -15.81 -8.17 11.36
N ILE C 220 -16.70 -9.00 11.87
CA ILE C 220 -17.96 -9.30 11.20
C ILE C 220 -18.86 -8.05 11.11
N HIS C 221 -18.86 -7.26 12.17
CA HIS C 221 -19.65 -6.04 12.21
C HIS C 221 -19.14 -5.04 11.16
N ALA C 222 -17.83 -4.90 11.08
CA ALA C 222 -17.23 -4.00 10.09
C ALA C 222 -17.57 -4.44 8.67
N SER C 223 -17.47 -5.74 8.41
CA SER C 223 -17.79 -6.24 7.07
C SER C 223 -19.26 -5.97 6.76
N ALA C 224 -20.12 -6.21 7.74
CA ALA C 224 -21.56 -5.99 7.56
C ALA C 224 -21.87 -4.52 7.26
N ALA C 225 -21.14 -3.63 7.93
CA ALA C 225 -21.32 -2.19 7.71
C ALA C 225 -20.95 -1.80 6.26
N ALA C 226 -19.82 -2.29 5.77
CA ALA C 226 -19.46 -2.04 4.38
C ALA C 226 -20.51 -2.60 3.42
N ASP C 227 -20.99 -3.81 3.69
CA ASP C 227 -21.99 -4.43 2.83
C ASP C 227 -23.23 -3.55 2.76
N TYR C 228 -23.62 -3.02 3.91
CA TYR C 228 -24.81 -2.18 3.99
C TYR C 228 -24.61 -0.91 3.18
N ALA C 229 -23.42 -0.32 3.26
CA ALA C 229 -23.16 0.94 2.56
C ALA C 229 -23.31 0.76 1.05
N LEU C 230 -22.96 -0.43 0.57
CA LEU C 230 -22.86 -0.70 -0.87
C LEU C 230 -24.11 -1.38 -1.43
N GLN C 231 -25.06 -1.70 -0.56
CA GLN C 231 -26.24 -2.48 -0.94
C GLN C 231 -27.16 -1.76 -1.91
N LYS D 3 22.26 -19.12 -16.08
CA LYS D 3 21.00 -19.86 -16.11
C LYS D 3 19.82 -18.90 -16.23
N ILE D 4 18.75 -19.37 -16.86
CA ILE D 4 17.54 -18.57 -16.96
C ILE D 4 16.74 -18.79 -15.68
N LEU D 5 16.45 -17.70 -14.98
CA LEU D 5 15.71 -17.80 -13.72
C LEU D 5 14.23 -17.72 -14.00
N GLY D 6 13.46 -18.66 -13.44
CA GLY D 6 12.02 -18.59 -13.52
C GLY D 6 11.47 -18.06 -12.22
N LEU D 7 10.95 -16.85 -12.25
CA LEU D 7 10.35 -16.27 -11.04
C LEU D 7 8.85 -16.46 -11.05
N ILE D 8 8.31 -16.92 -9.92
CA ILE D 8 6.86 -16.94 -9.74
C ILE D 8 6.51 -15.82 -8.77
N GLY D 9 5.78 -14.83 -9.26
CA GLY D 9 5.52 -13.65 -8.47
C GLY D 9 4.07 -13.21 -8.50
N GLY D 10 3.86 -11.92 -8.26
CA GLY D 10 2.53 -11.37 -8.14
C GLY D 10 1.87 -11.67 -6.80
N SER D 12 2.71 -10.15 -3.36
CA SER D 12 1.92 -9.43 -4.35
C SER D 12 2.85 -8.87 -5.42
N TRP D 13 2.29 -8.23 -6.44
CA TRP D 13 3.16 -7.67 -7.49
C TRP D 13 4.12 -6.62 -6.91
N GLU D 14 3.67 -5.91 -5.86
CA GLU D 14 4.55 -4.91 -5.24
C GLU D 14 5.82 -5.56 -4.68
N SER D 15 5.66 -6.76 -4.14
CA SER D 15 6.76 -7.51 -3.52
C SER D 15 7.67 -8.13 -4.56
N THR D 16 7.16 -8.29 -5.77
CA THR D 16 7.90 -8.91 -6.86
C THR D 16 8.93 -7.95 -7.44
N ILE D 17 8.59 -6.66 -7.43
CA ILE D 17 9.48 -5.65 -8.00
C ILE D 17 10.89 -5.66 -7.40
N PRO D 18 10.99 -5.70 -6.06
CA PRO D 18 12.35 -5.77 -5.50
C PRO D 18 13.13 -7.05 -5.90
N TYR D 19 12.46 -8.20 -6.04
CA TYR D 19 13.19 -9.39 -6.51
C TYR D 19 13.75 -9.10 -7.89
N TYR D 20 12.91 -8.58 -8.77
CA TYR D 20 13.31 -8.34 -10.16
C TYR D 20 14.47 -7.33 -10.20
N ARG D 21 14.34 -6.24 -9.46
CA ARG D 21 15.38 -5.22 -9.38
CA ARG D 21 15.39 -5.23 -9.41
C ARG D 21 16.68 -5.77 -8.82
N ILE D 23 17.85 -8.88 -8.32
CA ILE D 23 18.53 -9.91 -9.12
C ILE D 23 19.28 -9.27 -10.30
N ASN D 24 18.61 -8.36 -11.01
CA ASN D 24 19.25 -7.68 -12.11
C ASN D 24 20.47 -6.89 -11.65
N GLN D 25 20.34 -6.19 -10.53
CA GLN D 25 21.47 -5.43 -9.97
C GLN D 25 22.66 -6.30 -9.60
N HIS D 26 22.40 -7.46 -9.02
CA HIS D 26 23.46 -8.41 -8.65
C HIS D 26 24.19 -8.92 -9.88
N VAL D 27 23.43 -9.25 -10.92
CA VAL D 27 24.05 -9.75 -12.15
C VAL D 27 24.90 -8.66 -12.81
N LYS D 28 24.38 -7.44 -12.87
CA LYS D 28 25.15 -6.36 -13.45
C LYS D 28 26.42 -6.07 -12.65
N ALA D 29 26.32 -6.14 -11.33
CA ALA D 29 27.48 -5.90 -10.47
C ALA D 29 28.56 -6.95 -10.68
N GLN D 30 28.14 -8.20 -10.85
CA GLN D 30 29.08 -9.31 -10.97
C GLN D 30 29.70 -9.42 -12.36
N LEU D 31 28.88 -9.25 -13.40
CA LEU D 31 29.37 -9.43 -14.77
C LEU D 31 29.81 -8.13 -15.42
N GLY D 32 29.32 -7.01 -14.91
CA GLY D 32 29.69 -5.72 -15.44
C GLY D 32 29.14 -5.49 -16.83
N GLY D 33 29.68 -4.50 -17.53
CA GLY D 33 29.20 -4.16 -18.85
C GLY D 33 27.69 -3.92 -18.87
N LEU D 34 27.05 -4.41 -19.93
CA LEU D 34 25.63 -4.19 -20.12
C LEU D 34 24.79 -5.39 -19.69
N HIS D 35 25.39 -6.25 -18.87
CA HIS D 35 24.71 -7.47 -18.46
C HIS D 35 23.51 -7.20 -17.55
N SER D 36 22.42 -7.95 -17.80
CA SER D 36 21.34 -8.07 -16.84
C SER D 36 20.98 -9.53 -16.70
N ALA D 37 20.07 -9.82 -15.77
CA ALA D 37 19.67 -11.19 -15.53
C ALA D 37 18.79 -11.69 -16.65
N LYS D 38 18.78 -12.99 -16.87
CA LYS D 38 17.83 -13.60 -17.77
C LYS D 38 16.73 -14.09 -16.86
N ILE D 39 15.59 -13.44 -16.93
CA ILE D 39 14.46 -13.75 -16.06
C ILE D 39 13.22 -14.00 -16.88
N ILE D 40 12.51 -15.08 -16.57
CA ILE D 40 11.15 -15.25 -17.05
C ILE D 40 10.27 -15.25 -15.80
N LEU D 41 9.35 -14.30 -15.74
CA LEU D 41 8.53 -14.10 -14.54
C LEU D 41 7.10 -14.47 -14.87
N TYR D 42 6.53 -15.37 -14.07
CA TYR D 42 5.11 -15.66 -14.16
C TYR D 42 4.48 -14.95 -12.96
N SER D 43 3.74 -13.88 -13.23
CA SER D 43 3.07 -13.14 -12.17
C SER D 43 1.61 -13.55 -12.16
N VAL D 44 1.17 -14.15 -11.07
CA VAL D 44 -0.19 -14.68 -10.97
C VAL D 44 -1.16 -13.59 -10.53
N ASP D 45 -2.46 -13.90 -10.60
CA ASP D 45 -3.45 -13.01 -10.02
C ASP D 45 -3.55 -13.32 -8.53
N PHE D 46 -3.06 -12.39 -7.71
CA PHE D 46 -2.97 -12.59 -6.26
C PHE D 46 -4.33 -12.95 -5.67
N HIS D 47 -5.38 -12.39 -6.24
CA HIS D 47 -6.73 -12.63 -5.76
C HIS D 47 -7.03 -14.13 -5.73
N GLU D 48 -6.59 -14.86 -6.75
CA GLU D 48 -6.86 -16.29 -6.82
C GLU D 48 -6.13 -17.00 -5.68
N ILE D 49 -4.89 -16.62 -5.42
CA ILE D 49 -4.08 -17.24 -4.38
C ILE D 49 -4.63 -16.90 -2.98
N GLU D 50 -4.90 -15.62 -2.74
CA GLU D 50 -5.46 -15.20 -1.47
C GLU D 50 -6.77 -15.92 -1.13
N GLN D 51 -7.65 -16.06 -2.12
CA GLN D 51 -8.91 -16.75 -1.89
C GLN D 51 -8.71 -18.21 -1.52
N LEU D 52 -7.76 -18.86 -2.19
CA LEU D 52 -7.44 -20.24 -1.86
C LEU D 52 -6.82 -20.33 -0.48
N GLN D 53 -5.91 -19.41 -0.18
CA GLN D 53 -5.22 -19.40 1.10
C GLN D 53 -6.23 -19.21 2.25
N ALA D 54 -7.19 -18.32 2.03
CA ALA D 54 -8.21 -18.03 3.05
C ALA D 54 -9.13 -19.23 3.30
N LYS D 55 -9.27 -20.09 2.32
CA LYS D 55 -10.11 -21.29 2.44
C LYS D 55 -9.30 -22.50 2.85
N GLY D 56 -8.00 -22.30 3.05
CA GLY D 56 -7.10 -23.38 3.41
C GLY D 56 -6.97 -24.44 2.34
N ASP D 57 -7.20 -24.07 1.08
CA ASP D 57 -7.11 -25.04 -0.01
C ASP D 57 -5.71 -25.03 -0.59
N TRP D 58 -4.80 -25.68 0.12
CA TRP D 58 -3.39 -25.70 -0.27
C TRP D 58 -3.14 -26.56 -1.50
N GLN D 59 -3.97 -27.59 -1.69
CA GLN D 59 -3.85 -28.45 -2.84
C GLN D 59 -4.06 -27.66 -4.14
N THR D 60 -5.14 -26.89 -4.20
CA THR D 60 -5.40 -26.09 -5.39
C THR D 60 -4.36 -24.98 -5.56
N ALA D 61 -3.95 -24.37 -4.45
CA ALA D 61 -2.90 -23.34 -4.51
C ALA D 61 -1.61 -23.93 -5.07
N ALA D 62 -1.29 -25.15 -4.63
CA ALA D 62 -0.14 -25.85 -5.14
C ALA D 62 -0.26 -26.11 -6.64
N GLN D 63 -1.46 -26.46 -7.08
CA GLN D 63 -1.69 -26.79 -8.48
C GLN D 63 -1.51 -25.55 -9.32
N LEU D 64 -2.03 -24.43 -8.82
CA LEU D 64 -1.92 -23.16 -9.52
C LEU D 64 -0.47 -22.76 -9.70
N LEU D 65 0.30 -22.81 -8.62
CA LEU D 65 1.70 -22.40 -8.70
C LEU D 65 2.54 -23.43 -9.45
N SER D 66 2.14 -24.70 -9.36
CA SER D 66 2.83 -25.74 -10.10
C SER D 66 2.64 -25.54 -11.61
N ASN D 67 1.42 -25.18 -12.02
CA ASN D 67 1.14 -24.89 -13.40
C ASN D 67 1.96 -23.66 -13.87
N ALA D 68 2.08 -22.67 -13.00
CA ALA D 68 2.92 -21.51 -13.32
C ALA D 68 4.37 -21.96 -13.58
N ALA D 69 4.90 -22.81 -12.70
CA ALA D 69 6.27 -23.32 -12.84
C ALA D 69 6.48 -24.14 -14.12
N ILE D 70 5.49 -24.97 -14.46
CA ILE D 70 5.55 -25.76 -15.68
C ILE D 70 5.52 -24.82 -16.90
N SER D 71 4.71 -23.79 -16.80
CA SER D 71 4.65 -22.78 -17.85
C SER D 71 6.03 -22.15 -18.04
N LEU D 72 6.69 -21.82 -16.94
CA LEU D 72 8.03 -21.25 -17.02
C LEU D 72 9.04 -22.24 -17.60
N LYS D 73 8.88 -23.52 -17.28
CA LYS D 73 9.77 -24.53 -17.82
C LYS D 73 9.61 -24.56 -19.34
N HIS D 74 8.36 -24.54 -19.81
CA HIS D 74 8.09 -24.49 -21.25
C HIS D 74 8.77 -23.30 -21.92
N ALA D 75 8.85 -22.17 -21.21
CA ALA D 75 9.43 -20.96 -21.77
C ALA D 75 10.95 -20.95 -21.69
N GLY D 76 11.52 -21.86 -20.92
CA GLY D 76 12.96 -22.03 -20.91
C GLY D 76 13.64 -21.84 -19.56
N ALA D 77 12.85 -21.58 -18.52
CA ALA D 77 13.41 -21.39 -17.19
C ALA D 77 14.15 -22.65 -16.75
N GLU D 78 15.24 -22.47 -16.01
CA GLU D 78 16.04 -23.61 -15.56
C GLU D 78 16.03 -23.80 -14.05
N VAL D 79 15.37 -22.89 -13.36
CA VAL D 79 15.26 -22.94 -11.91
C VAL D 79 14.08 -22.07 -11.49
N ILE D 80 13.48 -22.42 -10.35
CA ILE D 80 12.31 -21.68 -9.88
C ILE D 80 12.63 -20.90 -8.62
N VAL D 81 12.15 -19.66 -8.60
CA VAL D 81 12.26 -18.79 -7.44
C VAL D 81 10.84 -18.31 -7.16
N VAL D 82 10.31 -18.60 -5.98
CA VAL D 82 8.97 -18.17 -5.63
C VAL D 82 9.15 -16.90 -4.82
N CYS D 83 8.63 -15.80 -5.34
CA CYS D 83 8.86 -14.50 -4.72
C CYS D 83 7.90 -14.11 -3.61
N THR D 84 7.74 -15.03 -2.67
CA THR D 84 6.94 -14.80 -1.48
C THR D 84 7.32 -15.82 -0.43
N ASN D 85 7.04 -15.54 0.83
CA ASN D 85 7.40 -16.49 1.88
C ASN D 85 6.38 -17.63 2.05
N THR D 86 5.13 -17.29 2.41
CA THR D 86 4.20 -18.31 2.87
C THR D 86 3.82 -19.40 1.84
N HIS D 88 5.73 -20.91 0.13
CA HIS D 88 6.72 -21.98 0.24
C HIS D 88 6.17 -23.19 0.99
N LYS D 89 4.98 -23.02 1.57
CA LYS D 89 4.29 -24.13 2.20
C LYS D 89 4.15 -25.29 1.21
N VAL D 90 4.02 -24.97 -0.08
CA VAL D 90 3.89 -26.02 -1.10
C VAL D 90 5.06 -26.03 -2.09
N ALA D 91 6.20 -25.51 -1.66
CA ALA D 91 7.37 -25.46 -2.53
C ALA D 91 7.80 -26.85 -3.02
N ASP D 92 7.77 -27.83 -2.13
CA ASP D 92 8.21 -29.17 -2.52
C ASP D 92 7.31 -29.74 -3.62
N ASP D 93 6.02 -29.42 -3.55
CA ASP D 93 5.09 -29.87 -4.59
C ASP D 93 5.32 -29.14 -5.92
N ILE D 94 5.64 -27.85 -5.86
CA ILE D 94 5.92 -27.08 -7.08
C ILE D 94 7.16 -27.63 -7.77
N GLU D 95 8.20 -27.86 -6.99
CA GLU D 95 9.46 -28.39 -7.49
C GLU D 95 9.25 -29.74 -8.18
N ALA D 96 8.52 -30.62 -7.52
CA ALA D 96 8.26 -31.94 -8.11
C ALA D 96 7.47 -31.81 -9.41
N ALA D 97 6.53 -30.87 -9.45
CA ALA D 97 5.63 -30.74 -10.58
C ALA D 97 6.34 -30.29 -11.87
N CYS D 98 7.36 -29.45 -11.73
CA CYS D 98 7.98 -28.86 -12.92
C CYS D 98 9.31 -29.52 -13.27
N GLY D 99 9.88 -30.24 -12.31
CA GLY D 99 11.12 -30.95 -12.54
C GLY D 99 12.33 -30.03 -12.68
N LEU D 100 12.22 -28.82 -12.15
CA LEU D 100 13.35 -27.89 -12.13
C LEU D 100 13.76 -27.72 -10.68
N PRO D 101 15.03 -27.41 -10.42
CA PRO D 101 15.35 -27.10 -9.02
C PRO D 101 14.63 -25.84 -8.56
N LEU D 102 14.26 -25.80 -7.30
CA LEU D 102 13.60 -24.64 -6.75
C LEU D 102 14.51 -24.12 -5.65
N LEU D 103 14.83 -22.84 -5.69
CA LEU D 103 15.73 -22.24 -4.70
C LEU D 103 14.84 -21.75 -3.56
N HIS D 104 14.79 -22.54 -2.49
CA HIS D 104 13.86 -22.31 -1.39
C HIS D 104 14.32 -21.12 -0.54
N ILE D 105 13.39 -20.22 -0.24
CA ILE D 105 13.71 -19.02 0.55
C ILE D 105 14.37 -19.37 1.89
N ALA D 106 13.92 -20.45 2.53
CA ALA D 106 14.50 -20.80 3.82
C ALA D 106 15.90 -21.39 3.69
N ASP D 107 16.15 -22.13 2.60
CA ASP D 107 17.49 -22.65 2.33
C ASP D 107 18.50 -21.53 2.04
N ALA D 108 18.09 -20.54 1.24
CA ALA D 108 19.00 -19.43 0.90
C ALA D 108 19.43 -18.72 2.17
N THR D 109 18.49 -18.48 3.07
CA THR D 109 18.84 -17.80 4.31
C THR D 109 19.64 -18.70 5.23
N ALA D 110 19.30 -19.98 5.27
CA ALA D 110 20.03 -20.92 6.12
C ALA D 110 21.50 -20.93 5.69
N VAL D 111 21.72 -20.88 4.38
CA VAL D 111 23.08 -20.90 3.86
C VAL D 111 23.88 -19.70 4.35
N GLN D 112 23.28 -18.51 4.29
CA GLN D 112 23.99 -17.33 4.78
C GLN D 112 24.25 -17.41 6.28
N ILE D 113 23.27 -17.89 7.04
CA ILE D 113 23.43 -18.03 8.48
C ILE D 113 24.59 -18.98 8.79
N LYS D 114 24.65 -20.11 8.09
CA LYS D 114 25.69 -21.08 8.38
C LYS D 114 27.08 -20.58 7.98
N GLN D 115 27.14 -19.86 6.87
CA GLN D 115 28.42 -19.33 6.39
C GLN D 115 28.97 -18.30 7.36
N GLN D 116 28.09 -17.71 8.15
CA GLN D 116 28.52 -16.73 9.13
C GLN D 116 28.70 -17.35 10.51
N GLY D 117 28.66 -18.69 10.55
CA GLY D 117 28.99 -19.42 11.77
C GLY D 117 27.97 -19.23 12.87
N ILE D 118 26.72 -19.00 12.48
CA ILE D 118 25.64 -18.83 13.44
C ILE D 118 24.83 -20.11 13.54
N ASP D 119 24.56 -20.58 14.75
CA ASP D 119 23.70 -21.75 14.89
C ASP D 119 22.49 -21.53 15.80
N LYS D 120 22.31 -20.30 16.25
CA LYS D 120 21.12 -19.93 17.05
C LYS D 120 20.58 -18.60 16.57
N ILE D 121 19.39 -18.63 15.99
CA ILE D 121 18.88 -17.46 15.29
C ILE D 121 17.52 -17.04 15.84
N GLY D 122 17.22 -15.76 15.73
CA GLY D 122 15.92 -15.24 16.09
C GLY D 122 15.09 -15.10 14.83
N LEU D 123 13.79 -15.25 14.94
CA LEU D 123 12.93 -15.20 13.75
C LEU D 123 11.69 -14.36 14.01
N LEU D 124 11.51 -13.35 13.16
CA LEU D 124 10.35 -12.47 13.18
C LEU D 124 9.67 -12.55 11.82
N GLY D 125 8.35 -12.53 11.82
CA GLY D 125 7.61 -12.62 10.57
C GLY D 125 6.15 -12.80 10.89
N THR D 126 5.36 -13.22 9.90
CA THR D 126 3.97 -13.60 10.17
C THR D 126 3.94 -14.85 11.06
N ARG D 127 2.79 -15.11 11.66
CA ARG D 127 2.63 -16.33 12.46
C ARG D 127 2.87 -17.57 11.62
N TYR D 128 2.49 -17.53 10.34
CA TYR D 128 2.78 -18.64 9.43
C TYR D 128 4.25 -18.98 9.50
N THR D 129 5.07 -17.95 9.29
CA THR D 129 6.51 -18.10 9.16
C THR D 129 7.17 -18.51 10.47
N GLU D 131 5.74 -20.06 13.03
CA GLU D 131 5.10 -21.19 13.73
C GLU D 131 5.04 -22.50 12.93
N GLN D 132 5.12 -22.42 11.60
CA GLN D 132 4.90 -23.59 10.77
C GLN D 132 6.19 -24.31 10.39
N GLY D 133 6.05 -25.47 9.78
CA GLY D 133 7.20 -26.29 9.43
C GLY D 133 8.01 -25.77 8.26
N PHE D 134 7.34 -25.17 7.27
CA PHE D 134 7.98 -24.89 5.99
C PHE D 134 9.17 -23.92 6.08
N TYR D 135 9.15 -23.03 7.06
CA TYR D 135 10.26 -22.09 7.20
C TYR D 135 11.06 -22.33 8.47
N ARG D 136 10.39 -22.12 9.61
CA ARG D 136 10.99 -22.33 10.92
C ARG D 136 11.49 -23.76 11.07
N GLY D 137 10.58 -24.72 10.89
CA GLY D 137 10.93 -26.12 11.03
C GLY D 137 12.02 -26.57 10.09
N ARG D 138 12.10 -25.93 8.92
CA ARG D 138 13.09 -26.27 7.90
C ARG D 138 14.50 -25.84 8.30
N LEU D 139 14.60 -24.67 8.92
CA LEU D 139 15.88 -24.17 9.43
C LEU D 139 16.47 -25.15 10.42
N THR D 140 15.63 -25.62 11.34
CA THR D 140 16.10 -26.52 12.40
C THR D 140 16.34 -27.93 11.86
N GLU D 141 15.32 -28.52 11.27
CA GLU D 141 15.40 -29.91 10.82
C GLU D 141 16.44 -30.12 9.72
N LYS D 142 16.36 -29.33 8.65
CA LYS D 142 17.23 -29.54 7.51
C LYS D 142 18.64 -28.97 7.70
N HIS D 143 18.74 -27.85 8.40
CA HIS D 143 20.01 -27.11 8.47
C HIS D 143 20.66 -27.09 9.85
N GLY D 144 19.99 -27.70 10.84
CA GLY D 144 20.55 -27.80 12.18
C GLY D 144 20.66 -26.49 12.93
N ILE D 145 19.87 -25.50 12.51
CA ILE D 145 19.89 -24.18 13.13
C ILE D 145 18.83 -24.08 14.22
N GLU D 146 19.23 -23.64 15.41
CA GLU D 146 18.26 -23.45 16.49
C GLU D 146 17.50 -22.14 16.24
N VAL D 147 16.18 -22.20 16.34
CA VAL D 147 15.34 -21.05 16.04
C VAL D 147 14.56 -20.59 17.26
N ILE D 148 14.81 -19.36 17.69
CA ILE D 148 14.04 -18.80 18.79
C ILE D 148 13.04 -17.80 18.23
N THR D 149 11.78 -17.95 18.60
CA THR D 149 10.75 -17.00 18.22
C THR D 149 10.24 -16.32 19.48
N PRO D 150 9.51 -15.20 19.32
CA PRO D 150 8.95 -14.54 20.50
C PRO D 150 7.92 -15.44 21.18
N ASP D 151 7.53 -15.12 22.41
CA ASP D 151 6.49 -15.90 23.08
C ASP D 151 5.13 -15.69 22.42
N ASP D 152 4.14 -16.46 22.87
CA ASP D 152 2.81 -16.41 22.27
C ASP D 152 2.29 -14.98 22.11
N THR D 153 2.41 -14.20 23.18
CA THR D 153 1.91 -12.83 23.18
C THR D 153 2.59 -11.97 22.14
N ASP D 154 3.92 -12.04 22.12
CA ASP D 154 4.68 -11.21 21.23
C ASP D 154 4.50 -11.64 19.78
N ARG D 155 4.33 -12.94 19.54
CA ARG D 155 4.02 -13.40 18.18
C ARG D 155 2.69 -12.84 17.68
N GLU D 156 1.68 -12.82 18.54
CA GLU D 156 0.38 -12.29 18.14
C GLU D 156 0.52 -10.82 17.74
N ALA D 157 1.27 -10.07 18.54
CA ALA D 157 1.48 -8.64 18.28
C ALA D 157 2.26 -8.43 16.98
N VAL D 158 3.38 -9.14 16.84
CA VAL D 158 4.21 -9.06 15.65
C VAL D 158 3.36 -9.32 14.40
N ASN D 159 2.55 -10.36 14.46
CA ASN D 159 1.71 -10.75 13.33
C ASN D 159 0.60 -9.72 13.03
N ARG D 160 -0.07 -9.28 14.08
CA ARG D 160 -1.15 -8.31 13.97
C ARG D 160 -0.64 -7.03 13.34
N ILE D 161 0.53 -6.58 13.80
CA ILE D 161 1.15 -5.37 13.27
C ILE D 161 1.51 -5.49 11.79
N ILE D 162 2.00 -6.64 11.37
CA ILE D 162 2.28 -6.77 9.96
C ILE D 162 1.03 -6.70 9.08
N TYR D 163 0.02 -7.48 9.44
CA TYR D 163 -1.23 -7.52 8.67
C TYR D 163 -2.11 -6.29 8.78
N GLU D 164 -2.22 -5.77 9.99
CA GLU D 164 -3.12 -4.66 10.25
C GLU D 164 -2.54 -3.26 10.04
N GLU D 165 -1.21 -3.16 10.04
CA GLU D 165 -0.56 -1.87 9.87
C GLU D 165 0.44 -1.79 8.73
N LEU D 166 1.51 -2.59 8.80
CA LEU D 166 2.61 -2.47 7.84
C LEU D 166 2.22 -2.76 6.41
N CYS D 167 1.37 -3.75 6.21
CA CYS D 167 0.92 -4.08 4.88
C CYS D 167 0.16 -2.90 4.28
N LEU D 168 -0.33 -2.04 5.13
CA LEU D 168 -1.09 -0.87 4.69
C LEU D 168 -0.28 0.43 4.68
N GLY D 169 1.00 0.35 5.03
CA GLY D 169 1.83 1.54 5.08
C GLY D 169 1.68 2.33 6.36
N ILE D 170 0.93 1.78 7.30
CA ILE D 170 0.70 2.45 8.58
C ILE D 170 1.88 2.22 9.53
N ILE D 171 2.56 3.31 9.86
CA ILE D 171 3.73 3.25 10.72
C ILE D 171 3.43 3.83 12.09
N SER D 172 3.21 2.95 13.05
CA SER D 172 2.83 3.36 14.40
C SER D 172 4.02 3.29 15.35
N GLU D 173 4.26 4.37 16.08
CA GLU D 173 5.39 4.45 17.00
C GLU D 173 5.29 3.45 18.15
N THR D 174 4.07 3.22 18.65
CA THR D 174 3.89 2.21 19.69
C THR D 174 4.23 0.82 19.13
N SER D 175 3.86 0.58 17.88
CA SER D 175 4.21 -0.67 17.23
C SER D 175 5.72 -0.76 17.04
N ARG D 176 6.34 0.35 16.65
CA ARG D 176 7.79 0.38 16.49
C ARG D 176 8.46 0.00 17.82
N ASP D 177 7.95 0.57 18.90
CA ASP D 177 8.45 0.30 20.23
C ASP D 177 8.29 -1.18 20.57
N ALA D 178 7.17 -1.77 20.19
CA ALA D 178 6.93 -3.19 20.46
C ALA D 178 7.95 -4.09 19.77
N TYR D 179 8.20 -3.84 18.49
CA TYR D 179 9.19 -4.62 17.76
C TYR D 179 10.57 -4.47 18.39
N ARG D 180 10.89 -3.26 18.83
CA ARG D 180 12.20 -3.02 19.42
C ARG D 180 12.38 -3.85 20.70
N ARG D 181 11.33 -3.95 21.50
CA ARG D 181 11.36 -4.76 22.71
C ARG D 181 11.49 -6.24 22.39
N VAL D 182 10.71 -6.71 21.42
CA VAL D 182 10.77 -8.11 21.01
C VAL D 182 12.17 -8.47 20.52
N ILE D 183 12.82 -7.54 19.83
CA ILE D 183 14.18 -7.76 19.36
C ILE D 183 15.14 -7.93 20.52
N LYS D 184 14.99 -7.10 21.55
CA LYS D 184 15.85 -7.18 22.73
C LYS D 184 15.60 -8.47 23.52
N LYS D 185 14.36 -8.91 23.55
CA LYS D 185 14.01 -10.13 24.23
C LYS D 185 14.64 -11.33 23.53
N LEU D 186 14.67 -11.30 22.20
CA LEU D 186 15.29 -12.39 21.45
C LEU D 186 16.77 -12.43 21.74
N GLU D 187 17.41 -11.26 21.75
CA GLU D 187 18.83 -11.12 22.01
C GLU D 187 19.17 -11.61 23.41
N ALA D 188 18.27 -11.32 24.35
CA ALA D 188 18.41 -11.72 25.74
C ALA D 188 18.46 -13.24 25.78
N GLN D 189 17.74 -13.87 24.86
CA GLN D 189 17.65 -15.31 24.76
C GLN D 189 18.94 -15.96 24.24
N GLY D 190 19.83 -15.13 23.73
CA GLY D 190 21.09 -15.64 23.20
C GLY D 190 21.19 -15.87 21.71
N VAL D 191 20.20 -15.43 20.95
CA VAL D 191 20.26 -15.61 19.51
C VAL D 191 21.46 -14.83 18.96
N GLN D 192 22.13 -15.41 17.97
CA GLN D 192 23.30 -14.82 17.36
C GLN D 192 23.00 -13.92 16.15
N GLY D 193 21.74 -13.87 15.77
CA GLY D 193 21.29 -13.06 14.65
C GLY D 193 19.77 -13.09 14.61
N ILE D 194 19.18 -12.24 13.77
CA ILE D 194 17.73 -12.23 13.64
C ILE D 194 17.28 -12.18 12.19
N ILE D 195 16.34 -13.05 11.85
CA ILE D 195 15.76 -13.05 10.52
C ILE D 195 14.55 -12.16 10.49
N PHE D 196 14.49 -11.32 9.45
CA PHE D 196 13.26 -10.62 9.12
C PHE D 196 12.58 -11.42 8.01
N GLY D 197 11.45 -12.02 8.34
CA GLY D 197 10.79 -12.94 7.43
C GLY D 197 10.11 -12.31 6.24
N CYS D 198 9.78 -11.03 6.37
CA CYS D 198 9.16 -10.32 5.26
C CYS D 198 9.64 -8.88 5.26
N THR D 199 9.49 -8.20 4.11
CA THR D 199 10.00 -6.84 3.99
C THR D 199 9.21 -5.83 4.80
N GLU D 200 7.98 -6.19 5.18
CA GLU D 200 7.14 -5.28 5.93
C GLU D 200 7.83 -4.88 7.23
N ILE D 201 8.59 -5.79 7.80
CA ILE D 201 9.28 -5.52 9.05
C ILE D 201 10.25 -4.33 8.95
N THR D 202 10.92 -4.20 7.80
CA THR D 202 11.88 -3.12 7.58
C THR D 202 11.22 -1.75 7.57
N LEU D 203 9.92 -1.73 7.31
CA LEU D 203 9.17 -0.49 7.33
C LEU D 203 9.21 0.10 8.73
N LEU D 204 9.23 -0.78 9.72
CA LEU D 204 9.24 -0.40 11.13
C LEU D 204 10.61 -0.39 11.82
N VAL D 205 11.39 -1.44 11.60
CA VAL D 205 12.68 -1.59 12.26
C VAL D 205 13.78 -2.05 11.31
N ASN D 206 15.03 -1.88 11.73
CA ASN D 206 16.18 -2.21 10.91
C ASN D 206 17.42 -2.61 11.72
N ALA D 207 18.57 -2.55 11.06
CA ALA D 207 19.84 -2.92 11.65
C ALA D 207 20.20 -2.08 12.89
N GLN D 208 19.78 -0.82 12.90
CA GLN D 208 20.06 0.07 14.02
C GLN D 208 19.44 -0.47 15.32
N ASP D 209 18.27 -1.07 15.17
CA ASP D 209 17.51 -1.62 16.28
C ASP D 209 18.06 -2.92 16.90
N ALA D 210 19.08 -3.49 16.27
CA ALA D 210 19.61 -4.79 16.69
C ALA D 210 21.08 -4.70 17.05
N SER D 211 21.49 -5.49 18.03
CA SER D 211 22.88 -5.58 18.43
C SER D 211 23.54 -6.76 17.74
N VAL D 212 22.74 -7.48 16.96
CA VAL D 212 23.23 -8.62 16.19
C VAL D 212 22.90 -8.42 14.71
N PRO D 213 23.53 -9.22 13.84
CA PRO D 213 23.23 -9.10 12.40
C PRO D 213 21.78 -9.47 12.07
N VAL D 214 21.16 -8.64 11.23
CA VAL D 214 19.83 -8.89 10.73
C VAL D 214 19.93 -9.61 9.39
N PHE D 215 19.06 -10.58 9.19
CA PHE D 215 19.01 -11.33 7.95
C PHE D 215 17.68 -11.05 7.25
N ASP D 216 17.73 -10.24 6.22
CA ASP D 216 16.54 -9.90 5.43
C ASP D 216 16.28 -11.03 4.44
N THR D 217 15.32 -11.88 4.75
CA THR D 217 15.22 -13.15 4.00
C THR D 217 14.90 -12.92 2.52
N THR D 218 14.19 -11.84 2.23
CA THR D 218 13.88 -11.48 0.86
C THR D 218 15.10 -11.02 0.05
N ALA D 219 15.89 -10.12 0.64
CA ALA D 219 17.13 -9.66 -0.02
C ALA D 219 18.09 -10.82 -0.23
N ILE D 220 18.18 -11.68 0.77
CA ILE D 220 19.06 -12.84 0.69
C ILE D 220 18.60 -13.78 -0.41
N HIS D 221 17.29 -13.92 -0.57
CA HIS D 221 16.70 -14.81 -1.57
C HIS D 221 17.08 -14.32 -2.94
N ALA D 222 16.95 -13.02 -3.16
CA ALA D 222 17.28 -12.43 -4.46
C ALA D 222 18.75 -12.61 -4.78
N SER D 223 19.59 -12.33 -3.79
CA SER D 223 21.04 -12.52 -3.93
C SER D 223 21.39 -13.97 -4.27
N ALA D 224 20.75 -14.93 -3.59
CA ALA D 224 20.98 -16.34 -3.84
C ALA D 224 20.57 -16.73 -5.25
N ALA D 225 19.48 -16.15 -5.73
CA ALA D 225 19.00 -16.45 -7.08
C ALA D 225 19.99 -15.97 -8.13
N ALA D 226 20.48 -14.73 -7.98
CA ALA D 226 21.52 -14.23 -8.89
C ALA D 226 22.78 -15.09 -8.83
N ASP D 227 23.23 -15.44 -7.63
CA ASP D 227 24.44 -16.24 -7.49
CA ASP D 227 24.44 -16.23 -7.49
C ASP D 227 24.29 -17.59 -8.17
N TYR D 228 23.13 -18.21 -7.99
CA TYR D 228 22.88 -19.51 -8.59
C TYR D 228 22.90 -19.42 -10.11
N ALA D 229 22.28 -18.38 -10.66
CA ALA D 229 22.28 -18.20 -12.10
C ALA D 229 23.70 -18.10 -12.66
N LEU D 230 24.60 -17.50 -11.87
CA LEU D 230 25.95 -17.23 -12.33
C LEU D 230 26.90 -18.39 -12.04
N GLN D 231 26.45 -19.35 -11.24
CA GLN D 231 27.30 -20.42 -10.77
C GLN D 231 27.82 -21.30 -11.91
#